data_2MA5
#
_entry.id   2MA5
#
loop_
_entity.id
_entity.type
_entity.pdbx_description
1 polymer 'Lysine-specific demethylase 5B'
2 non-polymer 'ZINC ION'
#
_entity_poly.entity_id   1
_entity_poly.type   'polypeptide(L)'
_entity_poly.pdbx_seq_one_letter_code
;SHMCPAVSCLQPEGDEVDWVQCDGSCNQWFHQVCVGVSPEMAEKEDYICVRCTVKDAPSRK
;
_entity_poly.pdbx_strand_id   A
#
loop_
_chem_comp.id
_chem_comp.type
_chem_comp.name
_chem_comp.formula
ZN non-polymer 'ZINC ION' 'Zn 2'
#
# COMPACT_ATOMS: atom_id res chain seq x y z
N SER A 1 7.50 8.99 -11.36
CA SER A 1 6.69 8.93 -10.11
C SER A 1 5.49 7.96 -10.24
N HIS A 2 5.48 7.12 -11.29
CA HIS A 2 4.38 6.16 -11.54
C HIS A 2 4.63 4.80 -10.85
N MET A 3 5.87 4.59 -10.35
CA MET A 3 6.27 3.32 -9.67
C MET A 3 5.50 3.09 -8.34
N CYS A 4 4.83 4.15 -7.86
CA CYS A 4 3.97 4.11 -6.68
C CYS A 4 2.64 4.83 -7.00
N PRO A 5 1.61 4.10 -7.59
CA PRO A 5 0.28 4.66 -7.89
C PRO A 5 -0.54 4.97 -6.61
N ALA A 6 -0.23 6.13 -5.99
CA ALA A 6 -0.90 6.63 -4.77
C ALA A 6 -1.01 8.16 -4.86
N VAL A 7 -2.22 8.69 -4.60
CA VAL A 7 -2.49 10.15 -4.64
C VAL A 7 -1.70 10.86 -3.51
N SER A 8 -1.90 10.40 -2.27
CA SER A 8 -1.14 10.86 -1.09
C SER A 8 0.25 10.20 -1.08
N CYS A 9 1.14 10.65 -1.99
CA CYS A 9 2.47 10.06 -2.13
C CYS A 9 3.51 10.88 -1.36
N LEU A 10 3.74 10.48 -0.10
CA LEU A 10 4.81 11.03 0.73
C LEU A 10 6.17 10.53 0.22
N GLN A 11 6.97 11.47 -0.30
CA GLN A 11 8.28 11.19 -0.93
C GLN A 11 9.41 11.62 0.04
N PRO A 12 10.13 10.63 0.66
CA PRO A 12 11.38 10.90 1.45
C PRO A 12 12.55 11.27 0.52
N GLU A 13 13.78 10.87 0.88
CA GLU A 13 14.94 10.90 -0.03
C GLU A 13 14.80 9.88 -1.19
N GLY A 14 13.75 9.04 -1.12
CA GLY A 14 13.40 8.09 -2.17
C GLY A 14 13.53 6.68 -1.66
N ASP A 15 14.76 6.13 -1.75
CA ASP A 15 15.10 4.82 -1.18
C ASP A 15 15.73 5.03 0.22
N GLU A 16 14.88 5.51 1.13
CA GLU A 16 15.25 5.86 2.51
C GLU A 16 14.51 4.91 3.47
N VAL A 17 13.18 4.95 3.38
CA VAL A 17 12.24 4.29 4.32
C VAL A 17 11.97 2.82 3.93
N ASP A 18 11.09 2.13 4.70
CA ASP A 18 10.68 0.74 4.40
C ASP A 18 9.32 0.73 3.67
N TRP A 19 9.19 -0.18 2.69
CA TRP A 19 8.00 -0.30 1.82
C TRP A 19 7.17 -1.55 2.21
N VAL A 20 6.09 -1.77 1.43
CA VAL A 20 5.14 -2.89 1.60
C VAL A 20 4.43 -3.11 0.25
N GLN A 21 4.26 -4.38 -0.16
CA GLN A 21 3.56 -4.73 -1.41
C GLN A 21 2.10 -5.08 -1.09
N CYS A 22 1.18 -4.23 -1.55
CA CYS A 22 -0.27 -4.52 -1.47
C CYS A 22 -0.63 -5.50 -2.57
N ASP A 23 -0.58 -6.81 -2.26
CA ASP A 23 -0.96 -7.88 -3.19
C ASP A 23 -2.42 -7.67 -3.67
N GLY A 24 -3.42 -8.07 -2.84
CA GLY A 24 -4.86 -7.92 -3.12
C GLY A 24 -5.29 -8.27 -4.56
N SER A 25 -5.14 -7.27 -5.46
CA SER A 25 -5.47 -7.37 -6.88
C SER A 25 -4.71 -6.26 -7.68
N CYS A 26 -3.53 -5.81 -7.17
CA CYS A 26 -2.74 -4.71 -7.80
C CYS A 26 -1.22 -4.97 -7.67
N ASN A 27 -0.79 -5.47 -6.48
CA ASN A 27 0.63 -5.87 -6.21
C ASN A 27 1.59 -4.67 -6.26
N GLN A 28 1.03 -3.45 -6.12
CA GLN A 28 1.81 -2.20 -6.18
C GLN A 28 2.51 -1.93 -4.83
N TRP A 29 3.77 -1.50 -4.93
CA TRP A 29 4.63 -1.21 -3.78
C TRP A 29 4.43 0.23 -3.31
N PHE A 30 4.17 0.37 -2.00
CA PHE A 30 3.97 1.65 -1.33
C PHE A 30 4.89 1.72 -0.10
N HIS A 31 5.41 2.91 0.18
CA HIS A 31 6.13 3.21 1.45
C HIS A 31 5.09 3.20 2.58
N GLN A 32 5.45 2.67 3.75
CA GLN A 32 4.54 2.59 4.93
C GLN A 32 3.95 3.98 5.26
N VAL A 33 4.78 5.02 5.18
CA VAL A 33 4.39 6.41 5.44
C VAL A 33 3.36 6.92 4.41
N CYS A 34 3.55 6.51 3.13
CA CYS A 34 2.72 6.97 1.97
C CYS A 34 1.23 6.71 2.19
N VAL A 35 0.92 5.47 2.56
CA VAL A 35 -0.46 4.97 2.72
C VAL A 35 -0.82 4.74 4.20
N GLY A 36 0.11 5.15 5.11
CA GLY A 36 -0.11 5.12 6.56
C GLY A 36 -0.42 3.74 7.12
N VAL A 37 0.44 2.76 6.81
CA VAL A 37 0.28 1.35 7.26
C VAL A 37 0.62 1.25 8.74
N SER A 38 -0.36 0.82 9.56
CA SER A 38 -0.15 0.57 11.00
C SER A 38 0.86 -0.59 11.18
N PRO A 39 1.87 -0.47 12.12
CA PRO A 39 2.95 -1.47 12.30
C PRO A 39 2.44 -2.91 12.59
N GLU A 40 1.16 -3.06 12.98
CA GLU A 40 0.53 -4.39 13.15
C GLU A 40 0.31 -5.03 11.78
N MET A 41 -0.35 -4.27 10.88
CA MET A 41 -0.67 -4.69 9.49
C MET A 41 0.61 -4.84 8.66
N ALA A 42 1.61 -3.98 8.97
CA ALA A 42 2.92 -3.95 8.29
C ALA A 42 3.76 -5.17 8.70
N GLU A 43 3.64 -5.57 9.98
CA GLU A 43 4.28 -6.80 10.52
C GLU A 43 3.67 -8.03 9.83
N LYS A 44 2.33 -8.01 9.72
CA LYS A 44 1.56 -9.07 9.02
C LYS A 44 1.76 -9.02 7.49
N GLU A 45 2.31 -7.87 7.00
CA GLU A 45 2.55 -7.59 5.55
C GLU A 45 1.22 -7.49 4.78
N ASP A 46 0.13 -7.40 5.55
CA ASP A 46 -1.24 -7.49 5.09
C ASP A 46 -1.85 -6.08 5.01
N TYR A 47 -1.72 -5.47 3.83
CA TYR A 47 -2.31 -4.16 3.53
C TYR A 47 -3.04 -4.24 2.18
N ILE A 48 -4.37 -4.25 2.24
CA ILE A 48 -5.25 -4.28 1.07
C ILE A 48 -5.76 -2.84 0.83
N CYS A 49 -5.34 -2.23 -0.31
CA CYS A 49 -5.72 -0.84 -0.66
C CYS A 49 -7.18 -0.78 -1.13
N VAL A 50 -7.75 0.44 -1.17
CA VAL A 50 -9.18 0.70 -1.48
C VAL A 50 -9.64 0.00 -2.78
N ARG A 51 -8.84 0.14 -3.86
CA ARG A 51 -9.12 -0.51 -5.16
C ARG A 51 -9.32 -2.04 -5.02
N CYS A 52 -8.44 -2.68 -4.22
CA CYS A 52 -8.47 -4.14 -4.00
C CYS A 52 -9.72 -4.58 -3.20
N THR A 53 -10.14 -3.72 -2.23
CA THR A 53 -11.30 -4.01 -1.36
C THR A 53 -12.63 -3.84 -2.13
N VAL A 54 -12.73 -2.75 -2.91
CA VAL A 54 -13.93 -2.38 -3.68
C VAL A 54 -14.06 -3.23 -4.98
N LYS A 55 -12.95 -3.89 -5.38
CA LYS A 55 -12.93 -4.80 -6.56
C LYS A 55 -12.60 -6.23 -6.09
N ASP A 56 -12.93 -6.52 -4.82
CA ASP A 56 -12.82 -7.87 -4.25
C ASP A 56 -14.03 -8.73 -4.67
N ALA A 57 -15.18 -8.06 -4.92
CA ALA A 57 -16.46 -8.70 -5.29
C ALA A 57 -16.93 -9.66 -4.17
N PRO A 58 -17.66 -9.13 -3.13
CA PRO A 58 -18.06 -9.93 -1.95
C PRO A 58 -19.24 -10.85 -2.26
N SER A 59 -19.67 -11.62 -1.24
CA SER A 59 -20.82 -12.53 -1.33
C SER A 59 -22.14 -11.75 -1.16
N ARG A 60 -22.05 -10.44 -0.84
CA ARG A 60 -23.22 -9.58 -0.66
C ARG A 60 -22.85 -8.14 -1.04
N LYS A 61 -23.52 -7.59 -2.08
CA LYS A 61 -23.26 -6.22 -2.58
C LYS A 61 -24.57 -5.63 -3.19
ZN ZN B . 4.26 6.82 -2.64
ZN ZN C . -4.00 -3.04 -3.74
N SER A 1 9.22 13.02 -12.07
CA SER A 1 7.96 13.07 -12.85
C SER A 1 6.81 12.48 -12.03
N HIS A 2 6.88 11.16 -11.77
CA HIS A 2 5.91 10.44 -10.92
C HIS A 2 6.67 9.72 -9.80
N MET A 3 6.68 10.35 -8.61
CA MET A 3 7.23 9.75 -7.36
C MET A 3 6.52 8.40 -7.03
N CYS A 4 5.19 8.40 -7.24
CA CYS A 4 4.28 7.26 -7.00
C CYS A 4 2.94 7.51 -7.72
N PRO A 5 2.13 6.44 -8.02
CA PRO A 5 0.69 6.60 -8.35
C PRO A 5 -0.17 6.77 -7.06
N ALA A 6 0.37 7.52 -6.09
CA ALA A 6 -0.25 7.74 -4.78
C ALA A 6 -0.17 9.25 -4.49
N VAL A 7 -1.33 9.94 -4.54
CA VAL A 7 -1.42 11.40 -4.28
C VAL A 7 -1.00 11.69 -2.83
N SER A 8 -1.51 10.86 -1.91
CA SER A 8 -1.00 10.77 -0.54
C SER A 8 0.38 10.10 -0.61
N CYS A 9 1.44 10.90 -0.41
CA CYS A 9 2.81 10.46 -0.59
C CYS A 9 3.77 11.23 0.32
N LEU A 10 3.91 10.76 1.57
CA LEU A 10 4.98 11.20 2.47
C LEU A 10 6.31 10.62 1.95
N GLN A 11 7.21 11.51 1.51
CA GLN A 11 8.49 11.17 0.88
C GLN A 11 9.62 11.11 1.93
N PRO A 12 10.10 9.89 2.29
CA PRO A 12 11.34 9.71 3.08
C PRO A 12 12.59 9.97 2.23
N GLU A 13 13.76 9.86 2.86
CA GLU A 13 15.07 10.03 2.19
C GLU A 13 15.41 8.80 1.33
N GLY A 14 14.70 7.68 1.58
CA GLY A 14 14.95 6.41 0.90
C GLY A 14 15.90 5.52 1.70
N ASP A 15 15.65 4.19 1.67
CA ASP A 15 16.41 3.19 2.47
C ASP A 15 16.27 3.54 3.97
N GLU A 16 15.08 4.06 4.33
CA GLU A 16 14.82 4.65 5.65
C GLU A 16 13.61 3.96 6.31
N VAL A 17 12.39 4.22 5.79
CA VAL A 17 11.16 3.58 6.28
C VAL A 17 10.88 2.31 5.47
N ASP A 18 10.33 1.28 6.15
CA ASP A 18 9.98 0.00 5.53
C ASP A 18 8.78 0.19 4.57
N TRP A 19 8.73 -0.64 3.53
CA TRP A 19 7.74 -0.52 2.44
C TRP A 19 6.53 -1.42 2.68
N VAL A 20 5.59 -1.41 1.71
CA VAL A 20 4.38 -2.21 1.70
C VAL A 20 3.95 -2.42 0.23
N GLN A 21 3.96 -3.69 -0.21
CA GLN A 21 3.63 -4.07 -1.60
C GLN A 21 2.17 -4.56 -1.65
N CYS A 22 1.29 -3.73 -2.24
CA CYS A 22 -0.16 -3.96 -2.26
C CYS A 22 -0.56 -5.00 -3.34
N ASP A 23 -0.07 -6.24 -3.15
CA ASP A 23 -0.13 -7.34 -4.15
C ASP A 23 -1.55 -7.60 -4.70
N GLY A 24 -2.55 -7.47 -3.81
CA GLY A 24 -3.98 -7.76 -4.09
C GLY A 24 -4.47 -7.36 -5.48
N SER A 25 -4.35 -6.06 -5.80
CA SER A 25 -4.78 -5.50 -7.09
C SER A 25 -4.04 -4.16 -7.39
N CYS A 26 -2.78 -4.06 -6.93
CA CYS A 26 -1.89 -2.92 -7.27
C CYS A 26 -0.52 -3.45 -7.69
N ASN A 27 0.03 -4.39 -6.86
CA ASN A 27 1.30 -5.12 -7.12
C ASN A 27 2.56 -4.23 -6.91
N GLN A 28 2.33 -2.93 -6.65
CA GLN A 28 3.41 -1.94 -6.46
C GLN A 28 3.73 -1.79 -4.97
N TRP A 29 5.01 -1.54 -4.67
CA TRP A 29 5.52 -1.34 -3.30
C TRP A 29 5.75 0.15 -3.05
N PHE A 30 4.93 0.71 -2.16
CA PHE A 30 5.01 2.10 -1.70
C PHE A 30 5.69 2.09 -0.33
N HIS A 31 6.18 3.25 0.12
CA HIS A 31 6.59 3.45 1.54
C HIS A 31 5.34 3.28 2.44
N GLN A 32 5.51 2.73 3.65
CA GLN A 32 4.39 2.56 4.60
C GLN A 32 3.79 3.93 5.01
N VAL A 33 4.66 4.96 5.06
CA VAL A 33 4.24 6.35 5.33
C VAL A 33 3.42 6.94 4.15
N CYS A 34 3.66 6.43 2.92
CA CYS A 34 2.99 6.89 1.67
C CYS A 34 1.47 6.68 1.72
N VAL A 35 1.06 5.43 1.97
CA VAL A 35 -0.33 4.98 1.82
C VAL A 35 -1.07 4.89 3.18
N GLY A 36 -0.33 5.12 4.28
CA GLY A 36 -0.92 5.16 5.63
C GLY A 36 -1.04 3.79 6.27
N VAL A 37 -0.10 2.90 5.94
CA VAL A 37 -0.01 1.56 6.54
C VAL A 37 1.03 1.57 7.69
N SER A 38 0.61 1.12 8.89
CA SER A 38 1.48 0.97 10.07
C SER A 38 2.26 -0.38 10.00
N PRO A 39 3.41 -0.53 10.74
CA PRO A 39 4.20 -1.81 10.80
C PRO A 39 3.34 -3.07 11.00
N GLU A 40 2.46 -3.05 12.03
CA GLU A 40 1.59 -4.19 12.38
C GLU A 40 0.46 -4.40 11.35
N MET A 41 0.24 -3.43 10.46
CA MET A 41 -0.72 -3.61 9.36
C MET A 41 -0.04 -4.42 8.23
N ALA A 42 1.11 -3.91 7.74
CA ALA A 42 1.89 -4.53 6.61
C ALA A 42 2.37 -5.94 6.96
N GLU A 43 2.75 -6.13 8.22
CA GLU A 43 3.28 -7.40 8.73
C GLU A 43 2.13 -8.30 9.20
N LYS A 44 1.41 -7.87 10.25
CA LYS A 44 0.50 -8.74 11.03
C LYS A 44 -0.86 -8.93 10.34
N GLU A 45 -1.51 -7.83 9.91
CA GLU A 45 -2.94 -7.89 9.49
C GLU A 45 -3.36 -6.67 8.63
N ASP A 46 -3.77 -6.97 7.39
CA ASP A 46 -4.36 -6.00 6.44
C ASP A 46 -3.44 -4.84 6.05
N TYR A 47 -2.95 -4.93 4.81
CA TYR A 47 -2.29 -3.83 4.10
C TYR A 47 -3.00 -3.62 2.73
N ILE A 48 -4.17 -4.27 2.61
CA ILE A 48 -4.94 -4.36 1.37
C ILE A 48 -5.82 -3.10 1.26
N CYS A 49 -5.42 -2.18 0.34
CA CYS A 49 -6.07 -0.85 0.18
C CYS A 49 -7.55 -1.00 -0.22
N VAL A 50 -8.32 0.09 0.01
CA VAL A 50 -9.80 0.12 -0.16
C VAL A 50 -10.25 -0.35 -1.55
N ARG A 51 -9.49 0.03 -2.60
CA ARG A 51 -9.78 -0.35 -3.99
C ARG A 51 -9.65 -1.88 -4.21
N CYS A 52 -8.58 -2.48 -3.67
CA CYS A 52 -8.37 -3.96 -3.71
C CYS A 52 -9.50 -4.70 -2.95
N THR A 53 -9.91 -4.10 -1.82
CA THR A 53 -10.92 -4.67 -0.91
C THR A 53 -12.32 -4.65 -1.57
N VAL A 54 -12.67 -3.50 -2.18
CA VAL A 54 -14.01 -3.26 -2.75
C VAL A 54 -14.25 -4.11 -4.01
N LYS A 55 -13.15 -4.47 -4.71
CA LYS A 55 -13.22 -5.39 -5.87
C LYS A 55 -13.86 -6.72 -5.45
N ASP A 56 -13.32 -7.30 -4.35
CA ASP A 56 -13.88 -8.51 -3.67
C ASP A 56 -13.61 -9.83 -4.47
N ALA A 57 -13.65 -9.75 -5.80
CA ALA A 57 -13.47 -10.87 -6.71
C ALA A 57 -12.18 -10.64 -7.53
N PRO A 58 -11.03 -11.30 -7.16
CA PRO A 58 -9.79 -11.26 -7.96
C PRO A 58 -9.95 -12.05 -9.29
N SER A 59 -10.51 -11.36 -10.30
CA SER A 59 -10.77 -11.94 -11.63
C SER A 59 -9.43 -12.27 -12.31
N ARG A 60 -9.25 -13.57 -12.65
CA ARG A 60 -8.00 -14.14 -13.19
C ARG A 60 -6.89 -14.17 -12.12
N LYS A 61 -6.39 -15.39 -11.82
CA LYS A 61 -5.34 -15.62 -10.81
C LYS A 61 -3.99 -15.88 -11.53
ZN ZN B . 5.18 7.70 -2.27
ZN ZN C . -4.29 -2.05 -3.56
N SER A 1 1.75 14.06 -9.32
CA SER A 1 2.21 12.90 -10.10
C SER A 1 3.71 12.68 -9.89
N HIS A 2 4.07 11.46 -9.43
CA HIS A 2 5.47 11.05 -9.18
C HIS A 2 5.54 9.51 -9.07
N MET A 3 4.69 8.83 -9.88
CA MET A 3 4.54 7.35 -9.92
C MET A 3 3.92 6.79 -8.60
N CYS A 4 3.53 5.48 -8.63
CA CYS A 4 3.02 4.75 -7.45
C CYS A 4 1.66 5.35 -6.95
N PRO A 5 0.51 4.98 -7.62
CA PRO A 5 -0.80 5.64 -7.40
C PRO A 5 -1.46 5.26 -6.05
N ALA A 6 -1.48 6.23 -5.12
CA ALA A 6 -2.27 6.16 -3.86
C ALA A 6 -3.23 7.35 -3.78
N VAL A 7 -3.88 7.53 -2.61
CA VAL A 7 -4.86 8.63 -2.34
C VAL A 7 -4.26 10.03 -2.63
N SER A 8 -2.94 10.13 -2.42
CA SER A 8 -2.12 11.33 -2.67
C SER A 8 -0.71 10.90 -3.09
N CYS A 9 -0.23 9.79 -2.48
CA CYS A 9 1.13 9.25 -2.63
C CYS A 9 2.13 10.17 -1.94
N LEU A 10 2.51 9.85 -0.70
CA LEU A 10 3.55 10.59 0.03
C LEU A 10 4.94 10.13 -0.43
N GLN A 11 5.56 10.92 -1.31
CA GLN A 11 6.94 10.77 -1.74
C GLN A 11 7.85 11.50 -0.72
N PRO A 12 8.57 10.75 0.16
CA PRO A 12 9.58 11.34 1.07
C PRO A 12 10.82 11.84 0.28
N GLU A 13 11.63 12.70 0.91
CA GLU A 13 12.89 13.23 0.32
C GLU A 13 13.91 12.09 0.06
N GLY A 14 13.72 11.00 0.80
CA GLY A 14 14.45 9.75 0.59
C GLY A 14 13.68 8.61 1.23
N ASP A 15 13.55 7.45 0.53
CA ASP A 15 12.80 6.28 1.06
C ASP A 15 13.67 5.45 2.01
N GLU A 16 13.98 6.07 3.16
CA GLU A 16 14.52 5.39 4.34
C GLU A 16 13.34 4.89 5.21
N VAL A 17 12.11 5.35 4.83
CA VAL A 17 10.83 4.79 5.30
C VAL A 17 10.68 3.32 4.85
N ASP A 18 9.94 2.51 5.62
CA ASP A 18 9.69 1.09 5.28
C ASP A 18 8.48 0.99 4.34
N TRP A 19 8.52 -0.03 3.47
CA TRP A 19 7.51 -0.27 2.42
C TRP A 19 6.70 -1.54 2.73
N VAL A 20 5.74 -1.86 1.83
CA VAL A 20 4.89 -3.05 1.89
C VAL A 20 4.26 -3.32 0.50
N GLN A 21 4.35 -4.58 0.04
CA GLN A 21 3.73 -5.03 -1.23
C GLN A 21 2.20 -5.05 -1.09
N CYS A 22 1.49 -4.81 -2.20
CA CYS A 22 0.03 -4.62 -2.22
C CYS A 22 -0.63 -5.57 -3.25
N ASP A 23 -0.26 -6.85 -3.14
CA ASP A 23 -0.63 -7.95 -4.06
C ASP A 23 -2.16 -8.16 -4.22
N GLY A 24 -2.96 -7.69 -3.23
CA GLY A 24 -4.43 -7.80 -3.28
C GLY A 24 -5.07 -7.38 -4.61
N SER A 25 -4.83 -6.13 -5.00
CA SER A 25 -5.28 -5.56 -6.29
C SER A 25 -4.43 -4.31 -6.58
N CYS A 26 -3.11 -4.53 -6.69
CA CYS A 26 -2.13 -3.49 -7.11
C CYS A 26 -0.89 -4.19 -7.70
N ASN A 27 -0.43 -5.24 -6.97
CA ASN A 27 0.70 -6.14 -7.40
C ASN A 27 2.04 -5.39 -7.38
N GLN A 28 2.10 -4.29 -6.63
CA GLN A 28 3.29 -3.44 -6.50
C GLN A 28 3.45 -2.98 -5.05
N TRP A 29 4.65 -2.51 -4.74
CA TRP A 29 5.02 -2.02 -3.41
C TRP A 29 4.58 -0.55 -3.23
N PHE A 30 4.32 -0.20 -1.97
CA PHE A 30 3.98 1.16 -1.52
C PHE A 30 4.69 1.43 -0.19
N HIS A 31 5.19 2.66 -0.02
CA HIS A 31 5.64 3.19 1.30
C HIS A 31 4.47 3.08 2.32
N GLN A 32 4.77 2.81 3.61
CA GLN A 32 3.73 2.70 4.67
C GLN A 32 2.90 3.99 4.77
N VAL A 33 3.61 5.14 4.67
CA VAL A 33 3.00 6.49 4.70
C VAL A 33 2.05 6.73 3.50
N CYS A 34 2.30 6.01 2.38
CA CYS A 34 1.47 6.08 1.14
C CYS A 34 0.06 5.50 1.36
N VAL A 35 0.02 4.32 2.02
CA VAL A 35 -1.22 3.53 2.20
C VAL A 35 -1.83 3.71 3.60
N GLY A 36 -1.09 4.39 4.51
CA GLY A 36 -1.56 4.63 5.89
C GLY A 36 -1.60 3.37 6.76
N VAL A 37 -0.91 2.31 6.30
CA VAL A 37 -0.81 1.02 7.01
C VAL A 37 0.32 1.10 8.05
N SER A 38 0.02 0.67 9.30
CA SER A 38 0.97 0.68 10.43
C SER A 38 2.11 -0.35 10.21
N PRO A 39 3.31 -0.17 10.87
CA PRO A 39 4.43 -1.15 10.82
C PRO A 39 3.99 -2.61 11.10
N GLU A 40 3.26 -2.79 12.21
CA GLU A 40 2.81 -4.12 12.68
C GLU A 40 1.71 -4.69 11.74
N MET A 41 0.90 -3.80 11.13
CA MET A 41 -0.13 -4.20 10.15
C MET A 41 0.52 -4.74 8.86
N ALA A 42 1.51 -4.00 8.35
CA ALA A 42 2.30 -4.40 7.17
C ALA A 42 3.02 -5.75 7.43
N GLU A 43 3.42 -5.92 8.70
CA GLU A 43 4.17 -7.08 9.18
C GLU A 43 3.27 -8.34 9.31
N LYS A 44 2.05 -8.17 9.87
CA LYS A 44 1.13 -9.31 10.19
C LYS A 44 -0.02 -9.45 9.17
N GLU A 45 -0.86 -8.40 9.05
CA GLU A 45 -2.13 -8.47 8.27
C GLU A 45 -2.79 -7.08 8.15
N ASP A 46 -3.76 -6.98 7.22
CA ASP A 46 -4.51 -5.75 6.92
C ASP A 46 -3.55 -4.67 6.37
N TYR A 47 -2.88 -5.03 5.28
CA TYR A 47 -2.09 -4.09 4.45
C TYR A 47 -2.86 -3.77 3.15
N ILE A 48 -4.10 -4.27 3.08
CA ILE A 48 -4.95 -4.22 1.90
C ILE A 48 -5.53 -2.80 1.79
N CYS A 49 -4.98 -2.00 0.87
CA CYS A 49 -5.35 -0.58 0.71
C CYS A 49 -6.81 -0.41 0.23
N VAL A 50 -7.34 0.83 0.36
CA VAL A 50 -8.70 1.18 -0.07
C VAL A 50 -8.93 0.77 -1.55
N ARG A 51 -7.94 1.08 -2.42
CA ARG A 51 -7.97 0.70 -3.86
C ARG A 51 -8.21 -0.79 -4.07
N CYS A 52 -7.52 -1.62 -3.26
CA CYS A 52 -7.62 -3.08 -3.36
C CYS A 52 -9.04 -3.57 -3.09
N THR A 53 -9.66 -3.05 -2.02
CA THR A 53 -11.01 -3.45 -1.59
C THR A 53 -12.07 -3.01 -2.62
N VAL A 54 -11.95 -1.75 -3.07
CA VAL A 54 -12.88 -1.12 -4.04
C VAL A 54 -12.77 -1.82 -5.42
N LYS A 55 -11.55 -2.27 -5.77
CA LYS A 55 -11.27 -2.99 -7.02
C LYS A 55 -11.89 -4.40 -6.92
N ASP A 56 -11.24 -5.25 -6.11
CA ASP A 56 -11.58 -6.67 -5.99
C ASP A 56 -11.36 -7.14 -4.54
N ALA A 57 -10.08 -7.34 -4.18
CA ALA A 57 -9.66 -7.94 -2.87
C ALA A 57 -10.48 -9.21 -2.51
N PRO A 58 -10.02 -10.44 -2.92
CA PRO A 58 -10.77 -11.70 -2.67
C PRO A 58 -10.56 -12.26 -1.23
N SER A 59 -10.03 -11.41 -0.33
CA SER A 59 -9.74 -11.79 1.07
C SER A 59 -11.00 -11.66 1.95
N ARG A 60 -11.65 -12.82 2.23
CA ARG A 60 -12.82 -12.94 3.15
C ARG A 60 -14.10 -12.28 2.59
N LYS A 61 -15.18 -12.35 3.39
CA LYS A 61 -16.49 -11.74 3.08
C LYS A 61 -17.19 -11.32 4.39
ZN ZN B . 3.47 6.12 -3.21
ZN ZN C . -3.58 -2.03 -3.00
N SER A 1 5.91 11.39 -13.71
CA SER A 1 6.05 10.09 -14.41
C SER A 1 5.12 9.06 -13.76
N HIS A 2 5.39 8.74 -12.48
CA HIS A 2 4.53 7.86 -11.66
C HIS A 2 4.82 8.09 -10.17
N MET A 3 3.74 8.35 -9.39
CA MET A 3 3.80 8.57 -7.93
C MET A 3 3.13 7.39 -7.22
N CYS A 4 3.30 6.18 -7.80
CA CYS A 4 2.62 4.92 -7.35
C CYS A 4 1.09 4.98 -7.66
N PRO A 5 0.38 3.82 -7.79
CA PRO A 5 -1.12 3.79 -7.74
C PRO A 5 -1.67 4.06 -6.31
N ALA A 6 -1.34 5.27 -5.78
CA ALA A 6 -1.75 5.72 -4.45
C ALA A 6 -1.75 7.25 -4.46
N VAL A 7 -2.96 7.85 -4.43
CA VAL A 7 -3.17 9.31 -4.38
C VAL A 7 -2.66 9.90 -3.03
N SER A 8 -2.49 9.02 -2.03
CA SER A 8 -1.94 9.35 -0.71
C SER A 8 -0.38 9.29 -0.70
N CYS A 9 0.23 9.50 -1.89
CA CYS A 9 1.70 9.53 -2.03
C CYS A 9 2.24 10.88 -1.53
N LEU A 10 2.79 10.88 -0.30
CA LEU A 10 3.32 12.10 0.36
C LEU A 10 4.49 12.72 -0.42
N GLN A 11 5.23 11.87 -1.17
CA GLN A 11 6.50 12.22 -1.84
C GLN A 11 7.56 12.70 -0.82
N PRO A 12 7.96 11.85 0.19
CA PRO A 12 9.06 12.19 1.12
C PRO A 12 10.44 11.91 0.51
N GLU A 13 11.48 12.53 1.07
CA GLU A 13 12.89 12.22 0.74
C GLU A 13 13.31 10.88 1.36
N GLY A 14 12.60 10.49 2.43
CA GLY A 14 12.82 9.22 3.13
C GLY A 14 12.18 9.23 4.50
N ASP A 15 12.84 9.94 5.46
CA ASP A 15 12.36 10.15 6.85
C ASP A 15 12.29 8.82 7.66
N GLU A 16 12.94 7.76 7.13
CA GLU A 16 12.94 6.40 7.70
C GLU A 16 11.51 5.78 7.64
N VAL A 17 10.96 5.65 6.42
CA VAL A 17 9.71 4.91 6.19
C VAL A 17 10.04 3.51 5.63
N ASP A 18 9.36 2.48 6.17
CA ASP A 18 9.47 1.10 5.68
C ASP A 18 8.55 0.93 4.46
N TRP A 19 8.80 -0.11 3.66
CA TRP A 19 8.02 -0.38 2.43
C TRP A 19 7.24 -1.69 2.54
N VAL A 20 6.28 -1.85 1.62
CA VAL A 20 5.32 -2.97 1.61
C VAL A 20 4.86 -3.23 0.16
N GLN A 21 4.67 -4.51 -0.17
CA GLN A 21 4.22 -4.92 -1.51
C GLN A 21 2.72 -5.25 -1.46
N CYS A 22 1.91 -4.54 -2.27
CA CYS A 22 0.46 -4.82 -2.43
C CYS A 22 0.25 -6.21 -3.02
N ASP A 23 -0.76 -6.94 -2.56
CA ASP A 23 -1.39 -7.99 -3.36
C ASP A 23 -2.60 -7.31 -4.03
N GLY A 24 -3.68 -7.15 -3.22
CA GLY A 24 -4.88 -6.39 -3.58
C GLY A 24 -5.29 -6.43 -5.05
N SER A 25 -4.92 -5.36 -5.78
CA SER A 25 -5.26 -5.19 -7.20
C SER A 25 -4.26 -4.21 -7.87
N CYS A 26 -3.11 -3.96 -7.19
CA CYS A 26 -2.06 -3.06 -7.71
C CYS A 26 -0.74 -3.38 -7.01
N ASN A 27 -0.33 -4.66 -7.15
CA ASN A 27 0.95 -5.24 -6.70
C ASN A 27 2.16 -4.40 -7.16
N GLN A 28 2.41 -3.31 -6.41
CA GLN A 28 3.60 -2.47 -6.50
C GLN A 28 4.19 -2.36 -5.09
N TRP A 29 5.47 -2.00 -4.99
CA TRP A 29 6.08 -1.65 -3.71
C TRP A 29 5.76 -0.19 -3.37
N PHE A 30 4.90 -0.01 -2.37
CA PHE A 30 4.54 1.29 -1.81
C PHE A 30 5.33 1.51 -0.52
N HIS A 31 5.52 2.77 -0.16
CA HIS A 31 5.92 3.17 1.20
C HIS A 31 4.69 2.94 2.09
N GLN A 32 4.88 2.55 3.35
CA GLN A 32 3.75 2.23 4.22
C GLN A 32 2.93 3.50 4.59
N VAL A 33 3.58 4.67 4.48
CA VAL A 33 2.91 5.98 4.60
C VAL A 33 2.14 6.36 3.30
N CYS A 34 2.51 5.72 2.18
CA CYS A 34 1.83 5.91 0.85
C CYS A 34 0.40 5.31 0.85
N VAL A 35 0.22 4.27 1.68
CA VAL A 35 -1.06 3.51 1.80
C VAL A 35 -1.69 3.67 3.21
N GLY A 36 -0.94 4.29 4.15
CA GLY A 36 -1.45 4.57 5.50
C GLY A 36 -1.32 3.39 6.48
N VAL A 37 -0.68 2.29 6.04
CA VAL A 37 -0.49 1.08 6.87
C VAL A 37 0.70 1.27 7.84
N SER A 38 0.53 0.81 9.09
CA SER A 38 1.58 0.79 10.12
C SER A 38 2.40 -0.53 9.99
N PRO A 39 3.76 -0.49 10.23
CA PRO A 39 4.63 -1.71 10.15
C PRO A 39 4.12 -2.91 10.98
N GLU A 40 3.42 -2.60 12.08
CA GLU A 40 2.75 -3.61 12.94
C GLU A 40 1.73 -4.40 12.09
N MET A 41 0.81 -3.67 11.42
CA MET A 41 -0.27 -4.26 10.61
C MET A 41 0.27 -4.87 9.30
N ALA A 42 1.36 -4.29 8.77
CA ALA A 42 1.99 -4.74 7.51
C ALA A 42 2.46 -6.20 7.63
N GLU A 43 3.02 -6.56 8.79
CA GLU A 43 3.42 -7.94 9.11
C GLU A 43 2.23 -8.77 9.61
N LYS A 44 1.42 -8.17 10.53
CA LYS A 44 0.42 -8.92 11.32
C LYS A 44 -0.76 -9.39 10.45
N GLU A 45 -1.41 -8.43 9.78
CA GLU A 45 -2.61 -8.68 8.98
C GLU A 45 -3.04 -7.40 8.23
N ASP A 46 -3.21 -7.54 6.90
CA ASP A 46 -3.76 -6.53 5.98
C ASP A 46 -2.75 -5.37 5.71
N TYR A 47 -2.63 -5.04 4.43
CA TYR A 47 -1.78 -3.96 3.89
C TYR A 47 -2.44 -3.43 2.59
N ILE A 48 -3.74 -3.71 2.49
CA ILE A 48 -4.52 -3.61 1.25
C ILE A 48 -5.09 -2.19 1.09
N CYS A 49 -4.95 -1.62 -0.12
CA CYS A 49 -5.39 -0.24 -0.44
C CYS A 49 -6.92 -0.16 -0.52
N VAL A 50 -7.47 1.05 -0.33
CA VAL A 50 -8.93 1.30 -0.28
C VAL A 50 -9.67 0.82 -1.56
N ARG A 51 -9.10 1.10 -2.74
CA ARG A 51 -9.67 0.66 -4.04
C ARG A 51 -9.57 -0.86 -4.20
N CYS A 52 -8.46 -1.43 -3.71
CA CYS A 52 -8.19 -2.88 -3.73
C CYS A 52 -9.18 -3.64 -2.79
N THR A 53 -9.59 -2.97 -1.71
CA THR A 53 -10.51 -3.53 -0.70
C THR A 53 -11.95 -3.62 -1.26
N VAL A 54 -12.38 -2.55 -1.98
CA VAL A 54 -13.72 -2.48 -2.59
C VAL A 54 -13.83 -3.44 -3.79
N LYS A 55 -12.70 -3.64 -4.52
CA LYS A 55 -12.66 -4.53 -5.71
C LYS A 55 -12.74 -6.03 -5.31
N ASP A 56 -12.49 -6.33 -4.02
CA ASP A 56 -12.65 -7.71 -3.47
C ASP A 56 -14.08 -8.24 -3.73
N ALA A 57 -15.05 -7.31 -3.67
CA ALA A 57 -16.47 -7.59 -3.92
C ALA A 57 -17.10 -6.35 -4.59
N PRO A 58 -17.01 -6.21 -5.96
CA PRO A 58 -17.60 -5.08 -6.70
C PRO A 58 -19.14 -5.10 -6.59
N SER A 59 -19.65 -4.33 -5.63
CA SER A 59 -21.08 -4.24 -5.31
C SER A 59 -21.44 -2.80 -4.90
N ARG A 60 -22.76 -2.55 -4.72
CA ARG A 60 -23.32 -1.20 -4.45
C ARG A 60 -23.06 -0.28 -5.67
N LYS A 61 -23.62 -0.68 -6.81
CA LYS A 61 -23.46 0.02 -8.10
C LYS A 61 -24.77 -0.07 -8.92
ZN ZN B . 4.20 6.57 -3.24
ZN ZN C . -3.28 -2.02 -4.07
N SER A 1 5.91 16.77 -8.20
CA SER A 1 6.34 15.44 -8.70
C SER A 1 6.37 14.43 -7.54
N HIS A 2 5.22 13.74 -7.35
CA HIS A 2 5.07 12.65 -6.38
C HIS A 2 4.50 11.43 -7.12
N MET A 3 5.25 10.32 -7.07
CA MET A 3 4.88 9.05 -7.71
C MET A 3 3.86 8.29 -6.82
N CYS A 4 3.31 7.17 -7.35
CA CYS A 4 2.33 6.29 -6.67
C CYS A 4 0.91 6.94 -6.66
N PRO A 5 -0.21 6.13 -6.54
CA PRO A 5 -1.59 6.68 -6.41
C PRO A 5 -1.92 7.20 -4.99
N ALA A 6 -0.89 7.25 -4.11
CA ALA A 6 -1.03 7.70 -2.72
C ALA A 6 -0.97 9.25 -2.68
N VAL A 7 -2.05 9.89 -2.19
CA VAL A 7 -2.18 11.37 -2.14
C VAL A 7 -1.07 12.00 -1.28
N SER A 8 -0.86 11.43 -0.07
CA SER A 8 0.24 11.81 0.84
C SER A 8 1.48 10.96 0.54
N CYS A 9 2.02 11.12 -0.68
CA CYS A 9 3.22 10.41 -1.12
C CYS A 9 4.47 11.04 -0.52
N LEU A 10 4.68 10.77 0.78
CA LEU A 10 5.92 11.13 1.48
C LEU A 10 7.01 10.19 0.95
N GLN A 11 7.92 10.72 0.15
CA GLN A 11 9.00 9.96 -0.49
C GLN A 11 10.38 10.59 -0.17
N PRO A 12 11.07 10.08 0.89
CA PRO A 12 12.47 10.48 1.21
C PRO A 12 13.47 10.07 0.10
N GLU A 13 14.53 10.89 -0.07
CA GLU A 13 15.59 10.66 -1.06
C GLU A 13 16.46 9.47 -0.61
N GLY A 14 16.23 8.33 -1.26
CA GLY A 14 16.73 7.04 -0.80
C GLY A 14 15.58 6.22 -0.26
N ASP A 15 15.73 5.69 0.96
CA ASP A 15 14.67 4.95 1.64
C ASP A 15 14.51 5.52 3.07
N GLU A 16 15.39 5.08 3.99
CA GLU A 16 15.27 5.33 5.47
C GLU A 16 13.88 4.90 6.05
N VAL A 17 13.09 4.14 5.24
CA VAL A 17 11.72 3.70 5.55
C VAL A 17 11.53 2.27 5.03
N ASP A 18 10.62 1.53 5.67
CA ASP A 18 10.23 0.19 5.24
C ASP A 18 9.29 0.31 4.02
N TRP A 19 9.22 -0.72 3.18
CA TRP A 19 8.34 -0.73 1.99
C TRP A 19 7.33 -1.86 2.10
N VAL A 20 6.17 -1.65 1.49
CA VAL A 20 5.05 -2.58 1.50
C VAL A 20 4.36 -2.56 0.12
N GLN A 21 4.50 -3.68 -0.61
CA GLN A 21 3.92 -3.84 -1.95
C GLN A 21 2.50 -4.41 -1.83
N CYS A 22 1.61 -3.95 -2.72
CA CYS A 22 0.27 -4.50 -2.86
C CYS A 22 0.32 -5.70 -3.80
N ASP A 23 0.31 -6.92 -3.23
CA ASP A 23 0.16 -8.17 -3.99
C ASP A 23 -1.23 -8.22 -4.67
N GLY A 24 -2.20 -7.50 -4.07
CA GLY A 24 -3.53 -7.28 -4.67
C GLY A 24 -3.46 -6.57 -6.03
N SER A 25 -4.59 -6.62 -6.77
CA SER A 25 -4.64 -6.41 -8.21
C SER A 25 -4.49 -4.91 -8.57
N CYS A 26 -3.22 -4.48 -8.55
CA CYS A 26 -2.80 -3.12 -8.95
C CYS A 26 -1.26 -3.01 -8.90
N ASN A 27 -0.64 -3.86 -8.02
CA ASN A 27 0.85 -4.10 -7.96
C ASN A 27 1.63 -2.88 -7.42
N GLN A 28 0.90 -1.87 -6.91
CA GLN A 28 1.48 -0.60 -6.47
C GLN A 28 2.32 -0.77 -5.18
N TRP A 29 3.61 -0.38 -5.27
CA TRP A 29 4.54 -0.34 -4.13
C TRP A 29 4.27 0.92 -3.29
N PHE A 30 4.36 0.77 -1.97
CA PHE A 30 4.13 1.88 -1.04
C PHE A 30 5.25 1.96 0.00
N HIS A 31 5.97 3.11 0.06
CA HIS A 31 6.86 3.43 1.21
C HIS A 31 5.96 3.53 2.46
N GLN A 32 6.51 3.17 3.64
CA GLN A 32 5.77 3.11 4.91
C GLN A 32 5.07 4.46 5.20
N VAL A 33 5.78 5.56 4.92
CA VAL A 33 5.30 6.93 5.15
C VAL A 33 4.36 7.43 4.01
N CYS A 34 4.42 6.77 2.83
CA CYS A 34 3.51 7.07 1.68
C CYS A 34 2.03 6.82 2.04
N VAL A 35 1.80 5.77 2.84
CA VAL A 35 0.46 5.29 3.23
C VAL A 35 0.24 5.36 4.75
N GLY A 36 1.33 5.54 5.51
CA GLY A 36 1.29 5.59 6.98
C GLY A 36 1.02 4.25 7.65
N VAL A 37 1.05 3.14 6.86
CA VAL A 37 0.76 1.78 7.38
C VAL A 37 1.84 1.36 8.39
N SER A 38 1.45 1.37 9.67
CA SER A 38 2.29 0.94 10.79
C SER A 38 2.61 -0.57 10.69
N PRO A 39 3.84 -1.01 11.12
CA PRO A 39 4.27 -2.45 11.09
C PRO A 39 3.23 -3.44 11.68
N GLU A 40 2.42 -2.96 12.64
CA GLU A 40 1.35 -3.77 13.26
C GLU A 40 0.29 -4.15 12.20
N MET A 41 -0.25 -3.14 11.49
CA MET A 41 -1.30 -3.35 10.47
C MET A 41 -0.73 -4.12 9.26
N ALA A 42 0.53 -3.81 8.91
CA ALA A 42 1.28 -4.50 7.84
C ALA A 42 1.45 -6.02 8.16
N GLU A 43 1.60 -6.33 9.46
CA GLU A 43 1.71 -7.72 9.94
C GLU A 43 0.33 -8.42 9.88
N LYS A 44 -0.73 -7.67 10.23
CA LYS A 44 -2.12 -8.17 10.19
C LYS A 44 -2.66 -8.19 8.74
N GLU A 45 -1.84 -7.69 7.79
CA GLU A 45 -2.12 -7.70 6.33
C GLU A 45 -3.23 -6.71 5.95
N ASP A 46 -3.44 -5.74 6.83
CA ASP A 46 -4.33 -4.61 6.58
C ASP A 46 -3.52 -3.47 5.94
N TYR A 47 -3.27 -3.63 4.62
CA TYR A 47 -2.58 -2.62 3.79
C TYR A 47 -3.06 -2.67 2.33
N ILE A 48 -4.00 -3.58 2.06
CA ILE A 48 -4.55 -3.79 0.71
C ILE A 48 -5.60 -2.70 0.40
N CYS A 49 -5.54 -2.12 -0.81
CA CYS A 49 -6.46 -1.07 -1.27
C CYS A 49 -7.93 -1.54 -1.19
N VAL A 50 -8.84 -0.60 -0.88
CA VAL A 50 -10.29 -0.89 -0.77
C VAL A 50 -10.89 -1.42 -2.11
N ARG A 51 -10.33 -0.95 -3.24
CA ARG A 51 -10.73 -1.43 -4.59
C ARG A 51 -10.27 -2.89 -4.81
N CYS A 52 -9.01 -3.16 -4.42
CA CYS A 52 -8.41 -4.51 -4.49
C CYS A 52 -9.18 -5.50 -3.58
N THR A 53 -9.68 -4.99 -2.44
CA THR A 53 -10.43 -5.80 -1.47
C THR A 53 -11.85 -6.12 -2.01
N VAL A 54 -12.59 -5.10 -2.49
CA VAL A 54 -14.00 -5.28 -2.93
C VAL A 54 -14.10 -6.16 -4.21
N LYS A 55 -13.00 -6.22 -5.00
CA LYS A 55 -12.94 -7.00 -6.24
C LYS A 55 -13.30 -8.50 -6.05
N ASP A 56 -12.78 -9.10 -4.98
CA ASP A 56 -13.00 -10.55 -4.68
C ASP A 56 -13.54 -10.75 -3.26
N ALA A 57 -13.04 -9.90 -2.37
CA ALA A 57 -13.24 -9.98 -0.90
C ALA A 57 -12.61 -11.28 -0.32
N PRO A 58 -11.24 -11.45 -0.41
CA PRO A 58 -10.53 -12.55 0.26
C PRO A 58 -10.06 -12.17 1.69
N SER A 59 -10.28 -10.89 2.05
CA SER A 59 -9.96 -10.35 3.37
C SER A 59 -10.97 -10.89 4.40
N ARG A 60 -10.48 -11.72 5.32
CA ARG A 60 -11.28 -12.46 6.33
C ARG A 60 -12.26 -13.45 5.62
N LYS A 61 -13.13 -14.11 6.41
CA LYS A 61 -14.20 -14.98 5.87
C LYS A 61 -15.53 -14.73 6.64
ZN ZN B . 4.93 7.28 -2.84
ZN ZN C . -3.86 -2.54 -4.60
N SER A 1 9.01 8.26 -12.64
CA SER A 1 10.37 8.00 -12.12
C SER A 1 10.33 6.88 -11.06
N HIS A 2 9.96 7.22 -9.80
CA HIS A 2 9.83 6.24 -8.71
C HIS A 2 8.48 5.55 -8.84
N MET A 3 8.46 4.21 -9.01
CA MET A 3 7.21 3.44 -9.16
C MET A 3 6.54 3.22 -7.79
N CYS A 4 5.71 4.22 -7.40
CA CYS A 4 4.98 4.22 -6.12
C CYS A 4 3.99 5.42 -6.09
N PRO A 5 2.91 5.39 -6.96
CA PRO A 5 1.94 6.50 -7.07
C PRO A 5 0.90 6.47 -5.91
N ALA A 6 0.97 7.46 -5.01
CA ALA A 6 0.15 7.49 -3.78
C ALA A 6 -0.37 8.90 -3.47
N VAL A 7 -0.43 9.76 -4.52
CA VAL A 7 -0.72 11.21 -4.41
C VAL A 7 0.38 11.92 -3.57
N SER A 8 0.39 11.67 -2.26
CA SER A 8 1.47 12.09 -1.36
C SER A 8 2.53 10.98 -1.33
N CYS A 9 3.58 11.14 -2.15
CA CYS A 9 4.70 10.21 -2.20
C CYS A 9 5.94 10.90 -1.62
N LEU A 10 6.19 10.64 -0.33
CA LEU A 10 7.43 11.05 0.35
C LEU A 10 8.62 10.24 -0.20
N GLN A 11 9.67 10.94 -0.64
CA GLN A 11 10.94 10.34 -1.11
C GLN A 11 11.97 10.39 0.05
N PRO A 12 12.17 9.25 0.78
CA PRO A 12 13.26 9.11 1.77
C PRO A 12 14.62 8.85 1.07
N GLU A 13 15.70 8.93 1.83
CA GLU A 13 17.07 8.64 1.35
C GLU A 13 17.43 7.15 1.57
N GLY A 14 16.41 6.31 1.82
CA GLY A 14 16.61 4.91 2.18
C GLY A 14 17.12 4.77 3.60
N ASP A 15 16.47 5.55 4.50
CA ASP A 15 16.86 5.67 5.91
C ASP A 15 16.58 4.34 6.65
N GLU A 16 15.28 4.06 6.89
CA GLU A 16 14.84 2.85 7.61
C GLU A 16 13.34 2.57 7.34
N VAL A 17 12.84 3.04 6.18
CA VAL A 17 11.43 2.84 5.78
C VAL A 17 11.24 1.42 5.20
N ASP A 18 10.17 0.75 5.64
CA ASP A 18 9.75 -0.56 5.11
C ASP A 18 8.63 -0.34 4.09
N TRP A 19 8.65 -1.12 2.99
CA TRP A 19 7.68 -0.99 1.88
C TRP A 19 6.67 -2.15 1.91
N VAL A 20 5.39 -1.80 1.83
CA VAL A 20 4.26 -2.75 1.79
C VAL A 20 3.58 -2.67 0.41
N GLN A 21 3.38 -3.83 -0.21
CA GLN A 21 2.83 -3.91 -1.57
C GLN A 21 1.35 -4.34 -1.50
N CYS A 22 0.46 -3.57 -2.17
CA CYS A 22 -1.00 -3.82 -2.14
C CYS A 22 -1.38 -5.17 -2.78
N ASP A 23 -0.53 -5.61 -3.73
CA ASP A 23 -0.70 -6.83 -4.52
C ASP A 23 -1.98 -6.73 -5.39
N GLY A 24 -3.13 -7.09 -4.76
CA GLY A 24 -4.42 -7.43 -5.42
C GLY A 24 -4.60 -6.97 -6.86
N SER A 25 -5.03 -5.71 -7.00
CA SER A 25 -5.16 -5.03 -8.30
C SER A 25 -4.55 -3.62 -8.17
N CYS A 26 -3.24 -3.61 -7.83
CA CYS A 26 -2.38 -2.41 -7.83
C CYS A 26 -0.97 -2.87 -8.23
N ASN A 27 -0.49 -3.93 -7.53
CA ASN A 27 0.79 -4.64 -7.84
C ASN A 27 2.00 -3.68 -7.64
N GLN A 28 1.79 -2.66 -6.80
CA GLN A 28 2.76 -1.59 -6.53
C GLN A 28 2.94 -1.40 -5.02
N TRP A 29 4.18 -1.11 -4.61
CA TRP A 29 4.60 -1.00 -3.20
C TRP A 29 4.68 0.47 -2.79
N PHE A 30 4.53 0.71 -1.49
CA PHE A 30 4.55 2.05 -0.89
C PHE A 30 5.32 1.98 0.44
N HIS A 31 6.06 3.04 0.77
CA HIS A 31 6.76 3.19 2.08
C HIS A 31 5.69 3.37 3.19
N GLN A 32 6.00 2.92 4.42
CA GLN A 32 5.10 3.10 5.57
C GLN A 32 4.72 4.58 5.79
N VAL A 33 5.72 5.47 5.58
CA VAL A 33 5.54 6.94 5.68
C VAL A 33 4.63 7.50 4.56
N CYS A 34 4.65 6.82 3.40
CA CYS A 34 3.94 7.27 2.17
C CYS A 34 2.41 7.18 2.30
N VAL A 35 1.93 6.04 2.82
CA VAL A 35 0.49 5.71 2.89
C VAL A 35 0.03 5.51 4.35
N GLY A 36 0.84 6.00 5.31
CA GLY A 36 0.48 6.00 6.74
C GLY A 36 0.33 4.61 7.35
N VAL A 37 1.00 3.61 6.74
CA VAL A 37 0.98 2.22 7.21
C VAL A 37 1.81 2.08 8.50
N SER A 38 1.13 1.62 9.56
CA SER A 38 1.74 1.32 10.85
C SER A 38 2.55 0.00 10.77
N PRO A 39 3.55 -0.22 11.68
CA PRO A 39 4.23 -1.54 11.84
C PRO A 39 3.25 -2.73 11.99
N GLU A 40 2.04 -2.46 12.52
CA GLU A 40 0.95 -3.45 12.65
C GLU A 40 0.47 -3.91 11.25
N MET A 41 0.15 -2.91 10.39
CA MET A 41 -0.35 -3.15 9.02
C MET A 41 0.73 -3.78 8.13
N ALA A 42 2.00 -3.41 8.39
CA ALA A 42 3.18 -3.95 7.68
C ALA A 42 3.62 -5.33 8.26
N GLU A 43 3.15 -5.67 9.47
CA GLU A 43 3.40 -7.00 10.09
C GLU A 43 2.42 -8.03 9.52
N LYS A 44 1.14 -7.63 9.50
CA LYS A 44 0.01 -8.45 9.05
C LYS A 44 0.05 -8.65 7.52
N GLU A 45 0.34 -7.54 6.80
CA GLU A 45 0.53 -7.53 5.31
C GLU A 45 -0.74 -7.92 4.53
N ASP A 46 -1.90 -7.77 5.19
CA ASP A 46 -3.22 -7.98 4.56
C ASP A 46 -3.73 -6.67 3.91
N TYR A 47 -2.79 -5.73 3.65
CA TYR A 47 -3.07 -4.37 3.17
C TYR A 47 -3.45 -4.39 1.67
N ILE A 48 -4.68 -4.85 1.44
CA ILE A 48 -5.33 -4.88 0.14
C ILE A 48 -6.37 -3.74 0.18
N CYS A 49 -6.07 -2.63 -0.52
CA CYS A 49 -6.89 -1.40 -0.46
C CYS A 49 -8.35 -1.66 -0.89
N VAL A 50 -9.26 -0.80 -0.42
CA VAL A 50 -10.73 -1.02 -0.51
C VAL A 50 -11.20 -1.36 -1.95
N ARG A 51 -10.61 -0.68 -2.96
CA ARG A 51 -10.96 -0.89 -4.39
C ARG A 51 -10.58 -2.32 -4.85
N CYS A 52 -9.45 -2.84 -4.36
CA CYS A 52 -9.02 -4.24 -4.64
C CYS A 52 -9.93 -5.27 -3.96
N THR A 53 -10.50 -4.88 -2.81
CA THR A 53 -11.47 -5.71 -2.06
C THR A 53 -12.82 -5.75 -2.80
N VAL A 54 -13.17 -4.62 -3.47
CA VAL A 54 -14.36 -4.51 -4.35
C VAL A 54 -14.17 -5.39 -5.60
N LYS A 55 -12.92 -5.36 -6.16
CA LYS A 55 -12.52 -6.23 -7.28
C LYS A 55 -12.64 -7.71 -6.88
N ASP A 56 -12.31 -7.99 -5.58
CA ASP A 56 -12.37 -9.33 -4.99
C ASP A 56 -11.43 -10.30 -5.77
N ALA A 57 -10.30 -9.74 -6.27
CA ALA A 57 -9.34 -10.45 -7.12
C ALA A 57 -7.90 -10.12 -6.67
N PRO A 58 -7.36 -10.89 -5.66
CA PRO A 58 -5.93 -10.83 -5.31
C PRO A 58 -5.11 -11.80 -6.20
N SER A 59 -3.80 -11.58 -6.28
CA SER A 59 -2.87 -12.48 -6.98
C SER A 59 -2.55 -13.69 -6.06
N ARG A 60 -3.51 -14.64 -5.99
CA ARG A 60 -3.41 -15.88 -5.19
C ARG A 60 -3.65 -17.11 -6.09
N LYS A 61 -3.47 -16.93 -7.41
CA LYS A 61 -3.73 -17.97 -8.42
C LYS A 61 -2.74 -17.83 -9.59
ZN ZN B . 5.83 6.58 -2.25
ZN ZN C . -5.06 -1.93 -4.21
N SER A 1 2.64 13.79 -14.77
CA SER A 1 3.48 12.65 -14.38
C SER A 1 3.60 12.60 -12.85
N HIS A 2 2.80 11.70 -12.21
CA HIS A 2 2.88 11.48 -10.76
C HIS A 2 4.14 10.68 -10.41
N MET A 3 4.70 10.95 -9.22
CA MET A 3 5.83 10.17 -8.69
C MET A 3 5.33 8.89 -7.98
N CYS A 4 3.99 8.83 -7.77
CA CYS A 4 3.36 7.80 -6.94
C CYS A 4 1.81 7.85 -7.12
N PRO A 5 1.11 6.69 -7.35
CA PRO A 5 -0.36 6.66 -7.62
C PRO A 5 -1.23 7.10 -6.42
N ALA A 6 -0.66 7.03 -5.20
CA ALA A 6 -1.41 7.28 -3.95
C ALA A 6 -1.62 8.80 -3.79
N VAL A 7 -2.89 9.23 -3.85
CA VAL A 7 -3.29 10.64 -3.71
C VAL A 7 -2.87 11.21 -2.33
N SER A 8 -3.01 10.39 -1.28
CA SER A 8 -2.41 10.65 0.05
C SER A 8 -0.98 10.10 0.00
N CYS A 9 0.00 11.00 -0.11
CA CYS A 9 1.41 10.60 -0.23
C CYS A 9 2.29 11.61 0.50
N LEU A 10 2.83 11.19 1.65
CA LEU A 10 3.89 11.91 2.36
C LEU A 10 5.19 11.81 1.55
N GLN A 11 6.06 12.81 1.72
CA GLN A 11 7.40 12.84 1.09
C GLN A 11 8.48 12.67 2.17
N PRO A 12 8.87 11.40 2.51
CA PRO A 12 10.00 11.13 3.43
C PRO A 12 11.36 11.37 2.76
N GLU A 13 12.43 11.37 3.56
CA GLU A 13 13.80 11.52 3.05
C GLU A 13 14.28 10.17 2.51
N GLY A 14 14.44 10.08 1.17
CA GLY A 14 14.78 8.83 0.47
C GLY A 14 16.06 8.18 0.98
N ASP A 15 15.90 7.33 2.02
CA ASP A 15 17.02 6.66 2.74
C ASP A 15 16.44 5.65 3.75
N GLU A 16 15.66 6.19 4.72
CA GLU A 16 15.09 5.42 5.85
C GLU A 16 13.61 5.05 5.58
N VAL A 17 13.25 5.03 4.28
CA VAL A 17 11.87 4.77 3.84
C VAL A 17 11.58 3.27 3.87
N ASP A 18 10.48 2.92 4.54
CA ASP A 18 9.97 1.53 4.62
C ASP A 18 8.83 1.37 3.62
N TRP A 19 8.77 0.21 2.96
CA TRP A 19 7.72 -0.13 1.98
C TRP A 19 6.89 -1.32 2.46
N VAL A 20 5.84 -1.62 1.70
CA VAL A 20 4.88 -2.70 1.98
C VAL A 20 4.16 -3.07 0.67
N GLN A 21 4.05 -4.37 0.40
CA GLN A 21 3.38 -4.90 -0.79
C GLN A 21 1.87 -4.85 -0.58
N CYS A 22 1.12 -4.51 -1.65
CA CYS A 22 -0.34 -4.56 -1.63
C CYS A 22 -0.82 -5.77 -2.46
N ASP A 23 -0.52 -6.98 -1.98
CA ASP A 23 -0.80 -8.24 -2.71
C ASP A 23 -2.28 -8.68 -2.55
N GLY A 24 -3.19 -7.71 -2.30
CA GLY A 24 -4.64 -7.94 -2.27
C GLY A 24 -5.30 -7.92 -3.66
N SER A 25 -4.57 -8.42 -4.67
CA SER A 25 -5.00 -8.52 -6.08
C SER A 25 -4.78 -7.17 -6.80
N CYS A 26 -3.52 -6.68 -6.72
CA CYS A 26 -3.07 -5.50 -7.50
C CYS A 26 -1.53 -5.41 -7.51
N ASN A 27 -0.92 -5.70 -6.32
CA ASN A 27 0.54 -5.94 -6.18
C ASN A 27 1.35 -4.63 -6.32
N GLN A 28 0.65 -3.48 -6.25
CA GLN A 28 1.28 -2.14 -6.17
C GLN A 28 2.01 -1.98 -4.84
N TRP A 29 3.27 -1.60 -4.91
CA TRP A 29 4.12 -1.38 -3.74
C TRP A 29 3.99 0.08 -3.26
N PHE A 30 3.61 0.22 -2.00
CA PHE A 30 3.46 1.53 -1.33
C PHE A 30 4.46 1.64 -0.19
N HIS A 31 4.94 2.86 0.09
CA HIS A 31 5.69 3.16 1.33
C HIS A 31 4.69 3.05 2.52
N GLN A 32 5.15 2.55 3.66
CA GLN A 32 4.30 2.39 4.85
C GLN A 32 3.69 3.74 5.30
N VAL A 33 4.50 4.80 5.23
CA VAL A 33 4.07 6.17 5.59
C VAL A 33 3.09 6.78 4.55
N CYS A 34 3.13 6.27 3.31
CA CYS A 34 2.22 6.69 2.21
C CYS A 34 0.76 6.40 2.57
N VAL A 35 0.55 5.18 3.08
CA VAL A 35 -0.79 4.58 3.25
C VAL A 35 -1.12 4.27 4.72
N GLY A 36 -0.28 4.79 5.64
CA GLY A 36 -0.53 4.69 7.09
C GLY A 36 -0.34 3.29 7.67
N VAL A 37 0.36 2.42 6.92
CA VAL A 37 0.70 1.07 7.39
C VAL A 37 1.78 1.16 8.49
N SER A 38 1.37 0.84 9.71
CA SER A 38 2.28 0.73 10.87
C SER A 38 3.15 -0.53 10.75
N PRO A 39 4.34 -0.60 11.44
CA PRO A 39 5.13 -1.86 11.57
C PRO A 39 4.27 -3.08 12.01
N GLU A 40 3.26 -2.83 12.88
CA GLU A 40 2.29 -3.86 13.33
C GLU A 40 1.39 -4.33 12.18
N MET A 41 0.92 -3.36 11.35
CA MET A 41 0.02 -3.65 10.21
C MET A 41 0.75 -4.52 9.17
N ALA A 42 2.03 -4.17 8.93
CA ALA A 42 2.92 -4.92 8.01
C ALA A 42 3.30 -6.30 8.61
N GLU A 43 3.35 -6.38 9.95
CA GLU A 43 3.67 -7.62 10.69
C GLU A 43 2.49 -8.61 10.65
N LYS A 44 1.26 -8.05 10.70
CA LYS A 44 0.00 -8.82 10.75
C LYS A 44 -0.25 -9.49 9.38
N GLU A 45 -0.21 -8.65 8.32
CA GLU A 45 -0.42 -9.10 6.93
C GLU A 45 0.08 -8.00 5.97
N ASP A 46 -0.30 -8.10 4.69
CA ASP A 46 -0.01 -7.08 3.67
C ASP A 46 -1.08 -5.97 3.69
N TYR A 47 -0.83 -4.92 2.89
CA TYR A 47 -1.76 -3.79 2.73
C TYR A 47 -2.82 -4.12 1.66
N ILE A 48 -4.08 -3.75 1.95
CA ILE A 48 -5.19 -3.82 0.99
C ILE A 48 -5.67 -2.39 0.69
N CYS A 49 -5.55 -1.94 -0.59
CA CYS A 49 -5.99 -0.59 -1.03
C CYS A 49 -7.46 -0.63 -1.50
N VAL A 50 -8.07 0.56 -1.70
CA VAL A 50 -9.48 0.68 -2.12
C VAL A 50 -9.71 0.12 -3.54
N ARG A 51 -8.66 0.16 -4.39
CA ARG A 51 -8.68 -0.49 -5.73
C ARG A 51 -8.81 -2.03 -5.59
N CYS A 52 -8.15 -2.59 -4.55
CA CYS A 52 -8.33 -4.01 -4.15
C CYS A 52 -9.75 -4.24 -3.62
N THR A 53 -10.24 -3.31 -2.80
CA THR A 53 -11.54 -3.42 -2.14
C THR A 53 -12.69 -3.49 -3.19
N VAL A 54 -12.64 -2.64 -4.23
CA VAL A 54 -13.63 -2.67 -5.31
C VAL A 54 -13.44 -3.92 -6.21
N LYS A 55 -12.19 -4.44 -6.27
CA LYS A 55 -11.85 -5.66 -7.04
C LYS A 55 -12.38 -6.95 -6.38
N ASP A 56 -11.73 -7.42 -5.29
CA ASP A 56 -11.94 -8.78 -4.75
C ASP A 56 -12.96 -8.83 -3.59
N ALA A 57 -12.92 -7.85 -2.67
CA ALA A 57 -13.71 -7.89 -1.42
C ALA A 57 -14.18 -6.48 -1.01
N PRO A 58 -15.35 -6.00 -1.55
CA PRO A 58 -15.95 -4.69 -1.16
C PRO A 58 -16.29 -4.59 0.33
N SER A 59 -16.11 -3.39 0.92
CA SER A 59 -16.42 -3.09 2.32
C SER A 59 -17.90 -2.60 2.42
N ARG A 60 -18.78 -3.25 1.62
CA ARG A 60 -20.25 -2.99 1.54
C ARG A 60 -20.60 -1.62 0.89
N LYS A 61 -19.61 -0.75 0.68
CA LYS A 61 -19.81 0.58 0.08
C LYS A 61 -18.45 1.11 -0.48
ZN ZN B . 3.54 7.49 -2.09
ZN ZN C . -4.09 -3.04 -3.76
N SER A 1 -2.01 12.36 -11.25
CA SER A 1 -1.50 12.00 -9.92
C SER A 1 0.05 11.91 -9.94
N HIS A 2 0.63 11.55 -8.79
CA HIS A 2 2.08 11.33 -8.64
C HIS A 2 2.37 9.82 -8.42
N MET A 3 3.60 9.51 -7.96
CA MET A 3 4.07 8.13 -7.73
C MET A 3 3.24 7.44 -6.63
N CYS A 4 2.85 6.17 -6.92
CA CYS A 4 2.09 5.28 -6.02
C CYS A 4 0.80 5.96 -5.46
N PRO A 5 -0.39 5.75 -6.15
CA PRO A 5 -1.66 6.40 -5.77
C PRO A 5 -2.17 5.96 -4.37
N ALA A 6 -1.92 6.81 -3.37
CA ALA A 6 -2.22 6.52 -1.96
C ALA A 6 -2.78 7.76 -1.25
N VAL A 7 -2.99 7.64 0.07
CA VAL A 7 -3.38 8.77 0.92
C VAL A 7 -2.12 9.62 1.27
N SER A 8 -1.79 10.51 0.31
CA SER A 8 -0.60 11.40 0.34
C SER A 8 0.69 10.61 0.17
N CYS A 9 1.32 10.75 -1.02
CA CYS A 9 2.62 10.15 -1.29
C CYS A 9 3.72 10.98 -0.61
N LEU A 10 3.88 10.76 0.72
CA LEU A 10 4.85 11.47 1.54
C LEU A 10 6.30 11.10 1.15
N GLN A 11 7.19 12.10 1.26
CA GLN A 11 8.64 11.92 1.11
C GLN A 11 9.28 12.08 2.51
N PRO A 12 9.36 10.97 3.30
CA PRO A 12 9.84 11.01 4.70
C PRO A 12 11.38 11.05 4.80
N GLU A 13 11.86 11.45 5.97
CA GLU A 13 13.27 11.33 6.35
C GLU A 13 13.32 10.41 7.58
N GLY A 14 13.35 9.10 7.31
CA GLY A 14 13.27 8.07 8.33
C GLY A 14 14.16 6.87 8.02
N ASP A 15 14.36 6.01 9.01
CA ASP A 15 15.25 4.82 8.91
C ASP A 15 14.40 3.53 8.85
N GLU A 16 13.18 3.61 9.40
CA GLU A 16 12.24 2.48 9.53
C GLU A 16 11.13 2.53 8.46
N VAL A 17 11.25 3.48 7.50
CA VAL A 17 10.23 3.70 6.44
C VAL A 17 10.34 2.63 5.34
N ASP A 18 9.90 1.44 5.71
CA ASP A 18 9.93 0.24 4.87
C ASP A 18 8.76 0.29 3.87
N TRP A 19 8.79 -0.56 2.84
CA TRP A 19 7.76 -0.62 1.80
C TRP A 19 6.85 -1.84 1.97
N VAL A 20 5.53 -1.57 2.00
CA VAL A 20 4.47 -2.58 2.04
C VAL A 20 3.84 -2.75 0.65
N GLN A 21 3.73 -4.01 0.19
CA GLN A 21 3.11 -4.37 -1.10
C GLN A 21 1.56 -4.33 -0.97
N CYS A 22 0.88 -4.08 -2.09
CA CYS A 22 -0.59 -3.96 -2.16
C CYS A 22 -1.17 -5.12 -2.99
N ASP A 23 -0.75 -6.35 -2.63
CA ASP A 23 -1.01 -7.58 -3.42
C ASP A 23 -2.49 -7.73 -3.86
N GLY A 24 -3.40 -7.69 -2.83
CA GLY A 24 -4.86 -7.95 -2.94
C GLY A 24 -5.48 -7.83 -4.32
N SER A 25 -5.30 -6.64 -4.92
CA SER A 25 -5.62 -6.38 -6.32
C SER A 25 -4.95 -5.05 -6.74
N CYS A 26 -3.61 -5.08 -6.73
CA CYS A 26 -2.76 -4.02 -7.29
C CYS A 26 -1.39 -4.62 -7.63
N ASN A 27 -0.78 -5.31 -6.62
CA ASN A 27 0.61 -5.85 -6.66
C ASN A 27 1.67 -4.71 -6.54
N GLN A 28 1.18 -3.45 -6.55
CA GLN A 28 2.02 -2.24 -6.50
C GLN A 28 2.71 -2.11 -5.13
N TRP A 29 3.88 -1.46 -5.14
CA TRP A 29 4.68 -1.22 -3.94
C TRP A 29 4.48 0.22 -3.44
N PHE A 30 4.21 0.33 -2.14
CA PHE A 30 3.98 1.60 -1.45
C PHE A 30 4.90 1.65 -0.23
N HIS A 31 5.36 2.86 0.14
CA HIS A 31 5.99 3.10 1.47
C HIS A 31 4.86 3.01 2.52
N GLN A 32 5.19 2.57 3.73
CA GLN A 32 4.21 2.48 4.84
C GLN A 32 3.59 3.87 5.12
N VAL A 33 4.43 4.91 5.06
CA VAL A 33 4.01 6.32 5.29
C VAL A 33 3.11 6.85 4.13
N CYS A 34 3.29 6.28 2.91
CA CYS A 34 2.49 6.63 1.70
C CYS A 34 1.00 6.32 1.95
N VAL A 35 0.77 5.24 2.70
CA VAL A 35 -0.56 4.66 2.92
C VAL A 35 -1.00 4.74 4.40
N GLY A 36 -0.18 5.43 5.24
CA GLY A 36 -0.48 5.62 6.67
C GLY A 36 -0.66 4.31 7.44
N VAL A 37 0.29 3.40 7.26
CA VAL A 37 0.30 2.05 7.86
C VAL A 37 1.55 1.90 8.76
N SER A 38 1.36 1.29 9.94
CA SER A 38 2.47 0.97 10.87
C SER A 38 3.29 -0.23 10.34
N PRO A 39 4.64 -0.28 10.58
CA PRO A 39 5.47 -1.46 10.20
C PRO A 39 4.98 -2.78 10.85
N GLU A 40 4.44 -2.69 12.09
CA GLU A 40 3.85 -3.85 12.79
C GLU A 40 2.51 -4.26 12.13
N MET A 41 1.76 -3.29 11.58
CA MET A 41 0.53 -3.56 10.85
C MET A 41 0.84 -4.30 9.54
N ALA A 42 1.89 -3.84 8.84
CA ALA A 42 2.38 -4.45 7.59
C ALA A 42 2.93 -5.87 7.83
N GLU A 43 3.32 -6.15 9.09
CA GLU A 43 3.74 -7.47 9.56
C GLU A 43 2.51 -8.40 9.78
N LYS A 44 1.45 -7.86 10.41
CA LYS A 44 0.28 -8.64 10.86
C LYS A 44 -0.75 -8.87 9.73
N GLU A 45 -0.72 -8.01 8.69
CA GLU A 45 -1.66 -8.11 7.56
C GLU A 45 -1.03 -7.56 6.27
N ASP A 46 -1.70 -7.87 5.14
CA ASP A 46 -1.40 -7.28 3.84
C ASP A 46 -2.19 -5.98 3.68
N TYR A 47 -1.57 -4.97 3.03
CA TYR A 47 -2.27 -3.72 2.71
C TYR A 47 -3.28 -3.97 1.57
N ILE A 48 -4.50 -4.36 1.96
CA ILE A 48 -5.63 -4.46 1.03
C ILE A 48 -6.38 -3.11 1.09
N CYS A 49 -6.16 -2.30 0.06
CA CYS A 49 -6.76 -0.96 -0.05
C CYS A 49 -8.19 -1.04 -0.57
N VAL A 50 -8.87 0.11 -0.60
CA VAL A 50 -10.21 0.24 -1.21
C VAL A 50 -10.15 -0.12 -2.72
N ARG A 51 -9.06 0.28 -3.39
CA ARG A 51 -8.82 -0.05 -4.82
C ARG A 51 -8.73 -1.59 -5.03
N CYS A 52 -8.21 -2.31 -4.01
CA CYS A 52 -8.11 -3.79 -4.04
C CYS A 52 -9.51 -4.42 -4.01
N THR A 53 -10.31 -4.03 -2.98
CA THR A 53 -11.62 -4.65 -2.71
C THR A 53 -12.65 -4.32 -3.82
N VAL A 54 -12.54 -3.09 -4.41
CA VAL A 54 -13.45 -2.64 -5.49
C VAL A 54 -13.11 -3.33 -6.82
N LYS A 55 -11.80 -3.53 -7.10
CA LYS A 55 -11.36 -4.35 -8.25
C LYS A 55 -11.81 -5.82 -8.06
N ASP A 56 -11.96 -6.21 -6.77
CA ASP A 56 -12.55 -7.51 -6.37
C ASP A 56 -11.64 -8.69 -6.82
N ALA A 57 -10.36 -8.36 -7.10
CA ALA A 57 -9.36 -9.26 -7.75
C ALA A 57 -9.89 -9.77 -9.12
N PRO A 58 -9.63 -9.01 -10.26
CA PRO A 58 -10.15 -9.35 -11.62
C PRO A 58 -9.71 -10.74 -12.15
N SER A 59 -8.76 -11.37 -11.45
CA SER A 59 -8.38 -12.76 -11.68
C SER A 59 -8.70 -13.56 -10.39
N ARG A 60 -9.90 -14.18 -10.35
CA ARG A 60 -10.32 -15.08 -9.25
C ARG A 60 -9.38 -16.29 -9.27
N LYS A 61 -9.35 -16.94 -10.43
CA LYS A 61 -8.41 -18.02 -10.78
C LYS A 61 -7.97 -17.79 -12.25
ZN ZN B . 4.48 6.96 -2.61
ZN ZN C . -4.50 -2.16 -3.45
N SER A 1 2.40 13.69 -7.59
CA SER A 1 1.36 13.34 -6.59
C SER A 1 0.93 11.88 -6.76
N HIS A 2 0.22 11.59 -7.86
CA HIS A 2 -0.40 10.28 -8.10
C HIS A 2 0.62 9.30 -8.70
N MET A 3 1.33 8.63 -7.79
CA MET A 3 2.26 7.52 -8.09
C MET A 3 2.01 6.44 -7.03
N CYS A 4 2.08 5.16 -7.43
CA CYS A 4 1.68 4.00 -6.60
C CYS A 4 0.20 4.15 -6.12
N PRO A 5 -0.80 3.43 -6.79
CA PRO A 5 -2.28 3.57 -6.56
C PRO A 5 -2.73 3.67 -5.08
N ALA A 6 -2.72 4.91 -4.57
CA ALA A 6 -3.17 5.27 -3.22
C ALA A 6 -4.21 6.41 -3.31
N VAL A 7 -4.58 6.99 -2.16
CA VAL A 7 -5.55 8.10 -2.08
C VAL A 7 -4.99 9.35 -2.79
N SER A 8 -3.81 9.79 -2.33
CA SER A 8 -3.10 10.95 -2.89
C SER A 8 -1.58 10.67 -3.00
N CYS A 9 -1.08 9.71 -2.19
CA CYS A 9 0.35 9.31 -2.13
C CYS A 9 1.22 10.43 -1.50
N LEU A 10 1.57 10.24 -0.21
CA LEU A 10 2.53 11.11 0.49
C LEU A 10 3.92 10.99 -0.15
N GLN A 11 4.73 12.05 0.03
CA GLN A 11 6.06 12.20 -0.57
C GLN A 11 7.14 12.28 0.54
N PRO A 12 7.57 11.11 1.11
CA PRO A 12 8.63 11.08 2.14
C PRO A 12 10.05 11.06 1.53
N GLU A 13 11.06 11.32 2.36
CA GLU A 13 12.47 11.24 1.96
C GLU A 13 12.90 9.75 1.88
N GLY A 14 12.86 9.23 0.63
CA GLY A 14 13.02 7.80 0.36
C GLY A 14 14.41 7.27 0.66
N ASP A 15 14.59 6.73 1.89
CA ASP A 15 15.82 6.06 2.32
C ASP A 15 15.52 5.13 3.51
N GLU A 16 15.04 5.73 4.62
CA GLU A 16 14.71 5.00 5.86
C GLU A 16 13.18 4.77 5.97
N VAL A 17 12.46 4.99 4.87
CA VAL A 17 11.00 4.84 4.81
C VAL A 17 10.65 3.35 4.72
N ASP A 18 9.72 2.92 5.57
CA ASP A 18 9.18 1.55 5.59
C ASP A 18 8.34 1.31 4.33
N TRP A 19 8.48 0.15 3.70
CA TRP A 19 7.70 -0.26 2.53
C TRP A 19 6.94 -1.54 2.82
N VAL A 20 5.97 -1.84 1.95
CA VAL A 20 5.02 -2.95 2.12
C VAL A 20 4.50 -3.44 0.76
N GLN A 21 4.51 -4.75 0.55
CA GLN A 21 3.90 -5.37 -0.63
C GLN A 21 2.41 -5.65 -0.33
N CYS A 22 1.55 -4.93 -1.06
CA CYS A 22 0.09 -5.01 -0.88
C CYS A 22 -0.48 -6.22 -1.64
N ASP A 23 -0.39 -7.41 -1.00
CA ASP A 23 -0.84 -8.71 -1.58
C ASP A 23 -2.37 -8.77 -1.85
N GLY A 24 -3.10 -7.68 -1.56
CA GLY A 24 -4.45 -7.48 -2.12
C GLY A 24 -4.45 -7.35 -3.66
N SER A 25 -5.54 -6.83 -4.22
CA SER A 25 -5.77 -6.80 -5.68
C SER A 25 -5.04 -5.60 -6.33
N CYS A 26 -3.70 -5.72 -6.35
CA CYS A 26 -2.79 -4.77 -7.03
C CYS A 26 -1.36 -5.30 -6.94
N ASN A 27 -0.99 -5.86 -5.75
CA ASN A 27 0.26 -6.66 -5.54
C ASN A 27 1.52 -5.78 -5.51
N GLN A 28 1.34 -4.48 -5.72
CA GLN A 28 2.45 -3.51 -5.81
C GLN A 28 3.01 -3.14 -4.44
N TRP A 29 4.25 -2.65 -4.47
CA TRP A 29 4.93 -2.11 -3.30
C TRP A 29 4.55 -0.63 -3.13
N PHE A 30 4.24 -0.28 -1.89
CA PHE A 30 3.92 1.09 -1.46
C PHE A 30 4.82 1.43 -0.27
N HIS A 31 5.00 2.73 -0.02
CA HIS A 31 5.51 3.20 1.29
C HIS A 31 4.41 2.94 2.34
N GLN A 32 4.81 2.74 3.59
CA GLN A 32 3.89 2.46 4.70
C GLN A 32 2.93 3.66 4.90
N VAL A 33 3.48 4.87 4.68
CA VAL A 33 2.72 6.13 4.72
C VAL A 33 1.75 6.26 3.50
N CYS A 34 2.13 5.64 2.36
CA CYS A 34 1.34 5.67 1.09
C CYS A 34 -0.06 5.06 1.28
N VAL A 35 -0.09 3.95 2.02
CA VAL A 35 -1.32 3.18 2.29
C VAL A 35 -1.93 3.55 3.65
N GLY A 36 -1.12 4.17 4.53
CA GLY A 36 -1.55 4.55 5.89
C GLY A 36 -1.71 3.36 6.84
N VAL A 37 -1.12 2.22 6.45
CA VAL A 37 -1.17 0.97 7.24
C VAL A 37 -0.12 1.03 8.37
N SER A 38 -0.49 0.52 9.56
CA SER A 38 0.38 0.48 10.75
C SER A 38 1.58 -0.48 10.54
N PRO A 39 2.79 -0.19 11.16
CA PRO A 39 4.03 -1.00 10.98
C PRO A 39 3.84 -2.54 11.12
N GLU A 40 3.16 -2.98 12.21
CA GLU A 40 2.86 -4.42 12.41
C GLU A 40 1.99 -4.95 11.26
N MET A 41 0.91 -4.22 10.97
CA MET A 41 -0.07 -4.59 9.94
C MET A 41 0.59 -4.74 8.55
N ALA A 42 1.58 -3.88 8.29
CA ALA A 42 2.32 -3.84 7.02
C ALA A 42 3.26 -5.06 6.86
N GLU A 43 3.86 -5.50 7.97
CA GLU A 43 4.85 -6.59 7.97
C GLU A 43 4.19 -7.98 8.15
N LYS A 44 3.05 -7.99 8.85
CA LYS A 44 2.51 -9.20 9.50
C LYS A 44 1.04 -9.48 9.12
N GLU A 45 0.20 -8.42 9.15
CA GLU A 45 -1.28 -8.55 9.09
C GLU A 45 -1.83 -7.96 7.76
N ASP A 46 -3.02 -7.32 7.79
CA ASP A 46 -3.62 -6.65 6.63
C ASP A 46 -2.84 -5.37 6.25
N TYR A 47 -2.69 -5.17 4.94
CA TYR A 47 -2.00 -4.01 4.33
C TYR A 47 -2.67 -3.64 3.00
N ILE A 48 -3.97 -3.96 2.91
CA ILE A 48 -4.79 -3.82 1.72
C ILE A 48 -5.15 -2.32 1.52
N CYS A 49 -4.73 -1.76 0.35
CA CYS A 49 -4.91 -0.33 0.02
C CYS A 49 -6.35 -0.07 -0.43
N VAL A 50 -6.70 1.24 -0.50
CA VAL A 50 -8.05 1.70 -0.85
C VAL A 50 -8.52 1.20 -2.24
N ARG A 51 -7.60 1.18 -3.22
CA ARG A 51 -7.82 0.69 -4.57
C ARG A 51 -8.28 -0.79 -4.53
N CYS A 52 -7.63 -1.58 -3.65
CA CYS A 52 -7.91 -3.00 -3.49
C CYS A 52 -9.33 -3.24 -2.95
N THR A 53 -9.71 -2.53 -1.87
CA THR A 53 -11.00 -2.79 -1.19
C THR A 53 -12.21 -2.42 -2.08
N VAL A 54 -12.02 -1.44 -3.00
CA VAL A 54 -13.04 -1.05 -3.98
C VAL A 54 -13.20 -2.14 -5.09
N LYS A 55 -12.08 -2.81 -5.42
CA LYS A 55 -12.09 -3.96 -6.35
C LYS A 55 -12.75 -5.21 -5.68
N ASP A 56 -12.38 -5.45 -4.41
CA ASP A 56 -12.86 -6.62 -3.62
C ASP A 56 -14.35 -6.49 -3.28
N ALA A 57 -14.83 -5.26 -3.18
CA ALA A 57 -16.24 -4.95 -2.87
C ALA A 57 -16.67 -3.66 -3.62
N PRO A 58 -16.96 -3.75 -4.96
CA PRO A 58 -17.43 -2.59 -5.75
C PRO A 58 -18.90 -2.26 -5.45
N SER A 59 -19.09 -1.46 -4.38
CA SER A 59 -20.41 -1.01 -3.90
C SER A 59 -21.21 -0.34 -5.03
N ARG A 60 -20.59 0.69 -5.63
CA ARG A 60 -21.08 1.35 -6.84
C ARG A 60 -20.00 1.25 -7.92
N LYS A 61 -20.40 1.32 -9.20
CA LYS A 61 -19.50 1.12 -10.35
C LYS A 61 -19.02 2.49 -10.88
ZN ZN B . 3.33 6.37 -3.06
ZN ZN C . -3.47 -2.82 -3.03
N SER A 1 11.65 10.28 -8.95
CA SER A 1 10.94 10.34 -10.24
C SER A 1 9.45 10.01 -10.03
N HIS A 2 8.58 11.03 -10.18
CA HIS A 2 7.11 10.93 -10.04
C HIS A 2 6.67 10.55 -8.60
N MET A 3 5.41 10.91 -8.26
CA MET A 3 4.79 10.49 -6.98
C MET A 3 4.16 9.09 -7.14
N CYS A 4 3.68 8.54 -6.03
CA CYS A 4 2.94 7.28 -5.99
C CYS A 4 1.46 7.62 -5.71
N PRO A 5 0.46 6.74 -6.05
CA PRO A 5 -0.95 6.95 -5.66
C PRO A 5 -1.18 6.68 -4.15
N ALA A 6 -0.62 7.57 -3.30
CA ALA A 6 -0.76 7.47 -1.83
C ALA A 6 -0.94 8.88 -1.23
N VAL A 7 -2.18 9.41 -1.30
CA VAL A 7 -2.57 10.80 -0.94
C VAL A 7 -1.86 11.82 -1.88
N SER A 8 -0.55 11.95 -1.72
CA SER A 8 0.32 12.70 -2.62
C SER A 8 1.62 11.87 -2.75
N CYS A 9 2.54 12.04 -1.77
CA CYS A 9 3.81 11.30 -1.58
C CYS A 9 4.82 12.27 -0.95
N LEU A 10 5.28 11.96 0.28
CA LEU A 10 6.30 12.76 1.00
C LEU A 10 7.60 12.90 0.17
N GLN A 11 7.93 11.82 -0.57
CA GLN A 11 9.14 11.70 -1.39
C GLN A 11 10.42 11.92 -0.54
N PRO A 12 10.82 10.90 0.29
CA PRO A 12 12.07 10.96 1.05
C PRO A 12 13.26 10.42 0.24
N GLU A 13 14.47 10.50 0.82
CA GLU A 13 15.68 9.86 0.25
C GLU A 13 15.62 8.33 0.48
N GLY A 14 14.87 7.92 1.52
CA GLY A 14 14.68 6.51 1.85
C GLY A 14 15.87 5.93 2.59
N ASP A 15 16.19 6.52 3.75
CA ASP A 15 17.33 6.08 4.59
C ASP A 15 16.92 4.89 5.48
N GLU A 16 15.76 5.05 6.18
CA GLU A 16 15.22 4.05 7.14
C GLU A 16 13.73 3.74 6.88
N VAL A 17 13.17 4.20 5.74
CA VAL A 17 11.74 3.94 5.42
C VAL A 17 11.60 2.49 4.88
N ASP A 18 10.72 1.70 5.52
CA ASP A 18 10.43 0.32 5.12
C ASP A 18 9.28 0.32 4.11
N TRP A 19 9.42 -0.47 3.03
CA TRP A 19 8.43 -0.51 1.93
C TRP A 19 7.52 -1.73 2.07
N VAL A 20 6.21 -1.45 2.05
CA VAL A 20 5.15 -2.46 2.05
C VAL A 20 4.43 -2.47 0.66
N GLN A 21 4.55 -3.60 -0.06
CA GLN A 21 3.90 -3.81 -1.36
C GLN A 21 2.45 -4.28 -1.16
N CYS A 22 1.48 -3.60 -1.79
CA CYS A 22 0.08 -4.08 -1.84
C CYS A 22 -0.03 -5.11 -2.97
N ASP A 23 -0.18 -6.40 -2.65
CA ASP A 23 -0.53 -7.42 -3.65
C ASP A 23 -1.96 -7.13 -4.15
N GLY A 24 -2.98 -7.55 -3.35
CA GLY A 24 -4.42 -7.34 -3.61
C GLY A 24 -4.81 -7.12 -5.07
N SER A 25 -4.82 -5.83 -5.47
CA SER A 25 -5.14 -5.37 -6.82
C SER A 25 -4.37 -4.06 -7.13
N CYS A 26 -3.07 -4.06 -6.79
CA CYS A 26 -2.14 -2.92 -7.06
C CYS A 26 -0.83 -3.46 -7.66
N ASN A 27 -0.12 -4.31 -6.86
CA ASN A 27 1.25 -4.84 -7.15
C ASN A 27 2.33 -3.74 -6.92
N GLN A 28 1.88 -2.52 -6.58
CA GLN A 28 2.74 -1.36 -6.38
C GLN A 28 3.38 -1.40 -4.98
N TRP A 29 4.65 -1.00 -4.92
CA TRP A 29 5.41 -0.88 -3.67
C TRP A 29 5.19 0.51 -3.07
N PHE A 30 4.65 0.54 -1.84
CA PHE A 30 4.43 1.79 -1.10
C PHE A 30 5.30 1.80 0.15
N HIS A 31 6.13 2.85 0.33
CA HIS A 31 6.82 3.13 1.62
C HIS A 31 5.74 3.28 2.71
N GLN A 32 6.00 2.81 3.94
CA GLN A 32 5.01 2.88 5.04
C GLN A 32 4.67 4.34 5.38
N VAL A 33 5.66 5.23 5.22
CA VAL A 33 5.48 6.69 5.34
C VAL A 33 4.55 7.25 4.22
N CYS A 34 4.55 6.59 3.04
CA CYS A 34 3.74 7.00 1.86
C CYS A 34 2.23 6.78 2.11
N VAL A 35 1.89 5.66 2.76
CA VAL A 35 0.48 5.21 2.94
C VAL A 35 0.01 5.26 4.39
N GLY A 36 0.90 5.66 5.31
CA GLY A 36 0.56 5.73 6.74
C GLY A 36 0.37 4.36 7.42
N VAL A 37 0.63 3.27 6.67
CA VAL A 37 0.49 1.89 7.16
C VAL A 37 1.60 1.59 8.17
N SER A 38 1.20 1.43 9.44
CA SER A 38 2.11 1.09 10.53
C SER A 38 2.64 -0.36 10.38
N PRO A 39 3.84 -0.71 10.96
CA PRO A 39 4.38 -2.11 10.95
C PRO A 39 3.36 -3.18 11.40
N GLU A 40 2.47 -2.77 12.32
CA GLU A 40 1.33 -3.58 12.80
C GLU A 40 0.39 -4.00 11.64
N MET A 41 -0.05 -3.01 10.85
CA MET A 41 -0.99 -3.23 9.73
C MET A 41 -0.27 -3.95 8.56
N ALA A 42 1.03 -3.66 8.43
CA ALA A 42 1.89 -4.22 7.37
C ALA A 42 2.20 -5.72 7.62
N GLU A 43 2.38 -6.10 8.91
CA GLU A 43 2.76 -7.48 9.30
C GLU A 43 1.54 -8.41 9.25
N LYS A 44 0.35 -7.88 9.64
CA LYS A 44 -0.93 -8.64 9.57
C LYS A 44 -1.42 -8.74 8.11
N GLU A 45 -0.91 -7.81 7.28
CA GLU A 45 -1.06 -7.80 5.83
C GLU A 45 -2.47 -7.42 5.38
N ASP A 46 -3.18 -6.73 6.28
CA ASP A 46 -4.57 -6.28 6.06
C ASP A 46 -4.62 -4.92 5.33
N TYR A 47 -3.52 -4.57 4.63
CA TYR A 47 -3.41 -3.32 3.84
C TYR A 47 -4.06 -3.45 2.43
N ILE A 48 -5.05 -4.36 2.30
CA ILE A 48 -5.86 -4.49 1.09
C ILE A 48 -6.80 -3.28 1.03
N CYS A 49 -6.65 -2.48 -0.05
CA CYS A 49 -7.45 -1.26 -0.27
C CYS A 49 -8.95 -1.61 -0.41
N VAL A 50 -9.84 -0.63 -0.19
CA VAL A 50 -11.30 -0.82 -0.38
C VAL A 50 -11.60 -1.20 -1.85
N ARG A 51 -10.91 -0.50 -2.79
CA ARG A 51 -10.97 -0.80 -4.24
C ARG A 51 -10.42 -2.21 -4.55
N CYS A 52 -9.36 -2.60 -3.82
CA CYS A 52 -8.78 -3.95 -3.91
C CYS A 52 -9.79 -5.02 -3.45
N THR A 53 -10.61 -4.68 -2.42
CA THR A 53 -11.65 -5.59 -1.89
C THR A 53 -12.87 -5.64 -2.86
N VAL A 54 -13.06 -4.57 -3.66
CA VAL A 54 -14.08 -4.55 -4.73
C VAL A 54 -13.72 -5.54 -5.86
N LYS A 55 -12.41 -5.66 -6.13
CA LYS A 55 -11.87 -6.61 -7.13
C LYS A 55 -11.90 -8.05 -6.57
N ASP A 56 -11.37 -8.21 -5.34
CA ASP A 56 -11.29 -9.51 -4.63
C ASP A 56 -12.70 -10.04 -4.32
N ALA A 57 -13.67 -9.13 -4.17
CA ALA A 57 -15.07 -9.46 -3.84
C ALA A 57 -16.02 -8.50 -4.61
N PRO A 58 -16.33 -8.83 -5.91
CA PRO A 58 -17.27 -8.03 -6.73
C PRO A 58 -18.72 -8.07 -6.17
N SER A 59 -19.17 -9.26 -5.74
CA SER A 59 -20.48 -9.43 -5.07
C SER A 59 -20.57 -10.81 -4.40
N ARG A 60 -21.32 -10.89 -3.30
CA ARG A 60 -21.69 -12.14 -2.62
C ARG A 60 -23.15 -12.02 -2.13
N LYS A 61 -24.08 -12.46 -2.99
CA LYS A 61 -25.53 -12.48 -2.70
C LYS A 61 -26.13 -13.76 -3.34
ZN ZN B . 5.68 7.49 -2.39
ZN ZN C . -4.26 -2.17 -3.21
N SER A 1 11.16 4.60 -6.46
CA SER A 1 9.99 4.66 -7.35
C SER A 1 8.90 5.56 -6.73
N HIS A 2 8.41 6.54 -7.52
CA HIS A 2 7.41 7.52 -7.08
C HIS A 2 6.16 7.52 -7.99
N MET A 3 6.08 6.56 -8.94
CA MET A 3 4.84 6.30 -9.71
C MET A 3 3.90 5.44 -8.82
N CYS A 4 3.22 6.11 -7.90
CA CYS A 4 2.61 5.48 -6.71
C CYS A 4 1.64 6.45 -5.98
N PRO A 5 0.49 6.88 -6.62
CA PRO A 5 -0.41 7.92 -6.04
C PRO A 5 -1.12 7.46 -4.72
N ALA A 6 -1.31 6.14 -4.61
CA ALA A 6 -2.01 5.47 -3.47
C ALA A 6 -3.39 6.12 -3.16
N VAL A 7 -3.41 7.03 -2.17
CA VAL A 7 -4.57 7.86 -1.80
C VAL A 7 -4.04 9.31 -1.70
N SER A 8 -3.03 9.46 -0.82
CA SER A 8 -2.16 10.63 -0.80
C SER A 8 -0.72 10.11 -0.64
N CYS A 9 0.06 10.19 -1.72
CA CYS A 9 1.42 9.63 -1.77
C CYS A 9 2.43 10.54 -1.06
N LEU A 10 2.56 10.33 0.27
CA LEU A 10 3.63 10.94 1.07
C LEU A 10 4.96 10.29 0.69
N GLN A 11 5.84 11.04 0.00
CA GLN A 11 7.16 10.57 -0.44
C GLN A 11 8.26 11.22 0.43
N PRO A 12 8.78 10.47 1.46
CA PRO A 12 9.93 10.92 2.29
C PRO A 12 11.28 10.77 1.56
N GLU A 13 12.37 10.96 2.30
CA GLU A 13 13.73 10.73 1.80
C GLU A 13 13.98 9.21 1.74
N GLY A 14 14.01 8.69 0.52
CA GLY A 14 14.05 7.25 0.26
C GLY A 14 15.43 6.65 0.40
N ASP A 15 15.93 6.60 1.64
CA ASP A 15 17.21 5.97 1.98
C ASP A 15 16.97 4.51 2.37
N GLU A 16 16.06 4.32 3.33
CA GLU A 16 15.76 3.02 3.97
C GLU A 16 14.30 2.97 4.47
N VAL A 17 13.40 3.66 3.73
CA VAL A 17 11.96 3.71 4.06
C VAL A 17 11.32 2.34 3.85
N ASP A 18 10.65 1.84 4.89
CA ASP A 18 10.04 0.50 4.89
C ASP A 18 8.74 0.52 4.08
N TRP A 19 8.56 -0.51 3.24
CA TRP A 19 7.41 -0.62 2.32
C TRP A 19 6.50 -1.82 2.70
N VAL A 20 5.34 -1.91 2.03
CA VAL A 20 4.35 -2.97 2.21
C VAL A 20 3.63 -3.19 0.85
N GLN A 21 3.74 -4.41 0.31
CA GLN A 21 3.13 -4.78 -0.98
C GLN A 21 1.62 -5.00 -0.81
N CYS A 22 0.84 -4.64 -1.84
CA CYS A 22 -0.62 -4.84 -1.83
C CYS A 22 -1.00 -6.28 -2.06
N ASP A 23 -1.86 -6.80 -1.15
CA ASP A 23 -2.48 -8.12 -1.29
C ASP A 23 -3.77 -7.94 -2.11
N GLY A 24 -3.58 -7.83 -3.42
CA GLY A 24 -4.68 -7.73 -4.37
C GLY A 24 -4.20 -7.76 -5.80
N SER A 25 -5.14 -7.66 -6.75
CA SER A 25 -4.86 -7.77 -8.19
C SER A 25 -4.31 -6.42 -8.69
N CYS A 26 -3.05 -6.16 -8.32
CA CYS A 26 -2.28 -4.97 -8.74
C CYS A 26 -0.82 -5.12 -8.25
N ASN A 27 -0.66 -5.70 -7.03
CA ASN A 27 0.66 -6.05 -6.42
C ASN A 27 1.58 -4.83 -6.18
N GLN A 28 0.99 -3.62 -6.20
CA GLN A 28 1.73 -2.35 -6.04
C GLN A 28 2.19 -2.15 -4.58
N TRP A 29 3.46 -1.76 -4.42
CA TRP A 29 4.08 -1.50 -3.12
C TRP A 29 3.72 -0.10 -2.61
N PHE A 30 3.78 0.08 -1.29
CA PHE A 30 3.48 1.35 -0.61
C PHE A 30 4.49 1.58 0.51
N HIS A 31 5.05 2.79 0.60
CA HIS A 31 5.77 3.25 1.83
C HIS A 31 4.76 3.27 2.99
N GLN A 32 5.23 2.96 4.22
CA GLN A 32 4.36 2.97 5.42
C GLN A 32 3.57 4.28 5.52
N VAL A 33 4.30 5.40 5.38
CA VAL A 33 3.74 6.76 5.51
C VAL A 33 2.76 7.10 4.36
N CYS A 34 2.93 6.43 3.20
CA CYS A 34 2.04 6.62 2.00
C CYS A 34 0.58 6.29 2.31
N VAL A 35 0.40 5.27 3.17
CA VAL A 35 -0.92 4.74 3.55
C VAL A 35 -1.18 4.87 5.06
N GLY A 36 -0.17 5.37 5.80
CA GLY A 36 -0.26 5.63 7.24
C GLY A 36 -0.46 4.37 8.09
N VAL A 37 0.22 3.27 7.72
CA VAL A 37 0.11 1.98 8.41
C VAL A 37 1.41 1.69 9.19
N SER A 38 1.26 1.30 10.47
CA SER A 38 2.38 1.01 11.39
C SER A 38 3.15 -0.27 10.95
N PRO A 39 4.51 -0.37 11.22
CA PRO A 39 5.35 -1.53 10.81
C PRO A 39 4.72 -2.91 11.10
N GLU A 40 4.32 -3.11 12.36
CA GLU A 40 3.77 -4.39 12.85
C GLU A 40 2.40 -4.70 12.22
N MET A 41 1.57 -3.65 12.01
CA MET A 41 0.22 -3.80 11.41
C MET A 41 0.33 -4.09 9.90
N ALA A 42 1.38 -3.54 9.28
CA ALA A 42 1.64 -3.70 7.84
C ALA A 42 2.24 -5.08 7.54
N GLU A 43 3.05 -5.58 8.49
CA GLU A 43 3.72 -6.88 8.37
C GLU A 43 2.72 -8.03 8.63
N LYS A 44 1.86 -7.83 9.66
CA LYS A 44 0.83 -8.81 10.05
C LYS A 44 -0.30 -8.83 9.03
N GLU A 45 -0.92 -7.66 8.81
CA GLU A 45 -2.06 -7.50 7.91
C GLU A 45 -1.57 -6.91 6.59
N ASP A 46 -1.52 -7.76 5.56
CA ASP A 46 -1.21 -7.35 4.19
C ASP A 46 -2.18 -6.26 3.72
N TYR A 47 -1.68 -5.02 3.56
CA TYR A 47 -2.52 -3.88 3.16
C TYR A 47 -3.13 -4.11 1.76
N ILE A 48 -4.45 -4.30 1.73
CA ILE A 48 -5.23 -4.39 0.49
C ILE A 48 -5.67 -2.96 0.12
N CYS A 49 -5.21 -2.45 -1.04
CA CYS A 49 -5.54 -1.07 -1.49
C CYS A 49 -7.01 -0.99 -1.94
N VAL A 50 -7.58 0.23 -1.86
CA VAL A 50 -9.03 0.50 -2.09
C VAL A 50 -9.53 -0.07 -3.43
N ARG A 51 -8.74 0.15 -4.50
CA ARG A 51 -9.10 -0.32 -5.87
C ARG A 51 -9.23 -1.86 -5.95
N CYS A 52 -8.45 -2.59 -5.13
CA CYS A 52 -8.55 -4.07 -5.06
C CYS A 52 -9.79 -4.50 -4.26
N THR A 53 -10.03 -3.81 -3.13
CA THR A 53 -11.15 -4.12 -2.21
C THR A 53 -12.51 -3.96 -2.93
N VAL A 54 -12.60 -2.90 -3.75
CA VAL A 54 -13.80 -2.57 -4.55
C VAL A 54 -13.96 -3.57 -5.72
N LYS A 55 -12.87 -3.78 -6.49
CA LYS A 55 -12.89 -4.63 -7.70
C LYS A 55 -12.96 -6.14 -7.35
N ASP A 56 -12.73 -6.46 -6.06
CA ASP A 56 -12.93 -7.81 -5.51
C ASP A 56 -14.42 -8.23 -5.61
N ALA A 57 -15.29 -7.22 -5.54
CA ALA A 57 -16.73 -7.34 -5.71
C ALA A 57 -17.08 -7.10 -7.20
N PRO A 58 -17.46 -8.18 -7.97
CA PRO A 58 -17.82 -8.08 -9.40
C PRO A 58 -19.05 -7.17 -9.63
N SER A 59 -18.97 -6.32 -10.67
CA SER A 59 -20.00 -5.30 -10.97
C SER A 59 -21.09 -5.81 -11.94
N ARG A 60 -21.15 -7.15 -12.13
CA ARG A 60 -22.11 -7.84 -13.05
C ARG A 60 -21.84 -7.46 -14.54
N LYS A 61 -21.50 -8.47 -15.35
CA LYS A 61 -21.23 -8.29 -16.79
C LYS A 61 -22.56 -8.41 -17.59
ZN ZN B . 3.56 6.39 -2.50
ZN ZN C . -4.11 -3.33 -4.83
N SER A 1 1.45 7.41 -13.04
CA SER A 1 2.79 6.76 -12.95
C SER A 1 3.78 7.60 -12.11
N HIS A 2 3.28 8.67 -11.45
CA HIS A 2 4.09 9.56 -10.59
C HIS A 2 4.32 8.89 -9.23
N MET A 3 5.57 8.42 -9.01
CA MET A 3 6.03 7.76 -7.77
C MET A 3 5.21 6.48 -7.47
N CYS A 4 4.00 6.65 -6.89
CA CYS A 4 3.07 5.57 -6.58
C CYS A 4 1.65 6.19 -6.48
N PRO A 5 0.56 5.44 -6.85
CA PRO A 5 -0.85 5.94 -6.78
C PRO A 5 -1.42 5.86 -5.33
N ALA A 6 -0.77 6.60 -4.41
CA ALA A 6 -1.20 6.71 -3.00
C ALA A 6 -1.80 8.10 -2.73
N VAL A 7 -2.28 8.33 -1.49
CA VAL A 7 -2.84 9.64 -1.08
C VAL A 7 -1.72 10.70 -1.06
N SER A 8 -0.55 10.31 -0.54
CA SER A 8 0.66 11.13 -0.52
C SER A 8 1.86 10.28 -0.99
N CYS A 9 2.95 10.94 -1.37
CA CYS A 9 4.22 10.28 -1.64
C CYS A 9 5.38 11.24 -1.40
N LEU A 10 5.93 11.17 -0.19
CA LEU A 10 7.14 11.90 0.23
C LEU A 10 8.37 11.50 -0.62
N GLN A 11 8.39 10.20 -0.99
CA GLN A 11 9.53 9.53 -1.65
C GLN A 11 10.83 9.78 -0.84
N PRO A 12 10.91 9.22 0.42
CA PRO A 12 12.05 9.47 1.31
C PRO A 12 13.23 8.52 1.03
N GLU A 13 14.38 8.82 1.66
CA GLU A 13 15.56 7.96 1.63
C GLU A 13 15.25 6.67 2.39
N GLY A 14 15.35 5.52 1.70
CA GLY A 14 14.97 4.22 2.25
C GLY A 14 16.04 3.60 3.15
N ASP A 15 16.48 4.38 4.17
CA ASP A 15 17.40 3.90 5.22
C ASP A 15 16.67 2.84 6.05
N GLU A 16 15.51 3.24 6.58
CA GLU A 16 14.62 2.34 7.33
C GLU A 16 13.16 2.80 7.10
N VAL A 17 12.74 2.81 5.83
CA VAL A 17 11.35 3.08 5.45
C VAL A 17 10.69 1.75 5.08
N ASP A 18 9.65 1.39 5.84
CA ASP A 18 8.96 0.10 5.72
C ASP A 18 8.00 0.11 4.53
N TRP A 19 8.11 -0.89 3.66
CA TRP A 19 7.22 -1.04 2.48
C TRP A 19 6.28 -2.25 2.70
N VAL A 20 5.23 -2.32 1.87
CA VAL A 20 4.22 -3.39 1.92
C VAL A 20 3.60 -3.60 0.54
N GLN A 21 3.67 -4.85 0.03
CA GLN A 21 3.08 -5.22 -1.26
C GLN A 21 1.55 -5.26 -1.15
N CYS A 22 0.88 -4.57 -2.08
CA CYS A 22 -0.59 -4.53 -2.15
C CYS A 22 -1.18 -5.91 -2.46
N ASP A 23 -0.62 -6.55 -3.51
CA ASP A 23 -1.11 -7.82 -4.10
C ASP A 23 -2.43 -7.65 -4.90
N GLY A 24 -3.40 -6.87 -4.35
CA GLY A 24 -4.66 -6.51 -5.05
C GLY A 24 -4.45 -5.74 -6.36
N SER A 25 -5.52 -5.04 -6.83
CA SER A 25 -5.60 -4.49 -8.21
C SER A 25 -4.83 -3.16 -8.35
N CYS A 26 -3.51 -3.32 -8.34
CA CYS A 26 -2.49 -2.28 -8.58
C CYS A 26 -1.11 -2.94 -8.34
N ASN A 27 -1.09 -3.92 -7.39
CA ASN A 27 0.07 -4.83 -7.08
C ASN A 27 1.20 -4.15 -6.27
N GLN A 28 1.55 -2.92 -6.68
CA GLN A 28 2.74 -2.15 -6.26
C GLN A 28 2.98 -2.13 -4.75
N TRP A 29 4.27 -2.06 -4.39
CA TRP A 29 4.71 -1.89 -3.01
C TRP A 29 4.48 -0.45 -2.58
N PHE A 30 4.12 -0.28 -1.30
CA PHE A 30 3.78 1.02 -0.72
C PHE A 30 4.51 1.22 0.61
N HIS A 31 5.22 2.38 0.74
CA HIS A 31 5.85 2.78 2.02
C HIS A 31 4.73 3.09 3.04
N GLN A 32 5.01 2.92 4.34
CA GLN A 32 4.08 3.28 5.43
C GLN A 32 3.70 4.77 5.32
N VAL A 33 4.71 5.59 5.02
CA VAL A 33 4.58 7.04 4.88
C VAL A 33 3.80 7.44 3.58
N CYS A 34 3.68 6.50 2.62
CA CYS A 34 2.97 6.73 1.34
C CYS A 34 1.43 6.59 1.53
N VAL A 35 1.01 5.51 2.23
CA VAL A 35 -0.42 5.09 2.32
C VAL A 35 -0.97 5.09 3.77
N GLY A 36 -0.19 5.65 4.72
CA GLY A 36 -0.59 5.74 6.13
C GLY A 36 -0.71 4.37 6.82
N VAL A 37 0.19 3.45 6.46
CA VAL A 37 0.22 2.08 7.03
C VAL A 37 0.86 2.08 8.42
N SER A 38 0.20 1.36 9.35
CA SER A 38 0.72 1.12 10.70
C SER A 38 1.81 0.01 10.66
N PRO A 39 2.79 0.00 11.63
CA PRO A 39 3.85 -1.05 11.67
C PRO A 39 3.25 -2.47 11.70
N GLU A 40 2.05 -2.58 12.32
CA GLU A 40 1.30 -3.85 12.40
C GLU A 40 0.99 -4.40 11.01
N MET A 41 0.41 -3.57 10.12
CA MET A 41 -0.02 -3.98 8.76
C MET A 41 1.20 -4.34 7.87
N ALA A 42 2.30 -3.58 8.04
CA ALA A 42 3.55 -3.77 7.28
C ALA A 42 4.26 -5.09 7.67
N GLU A 43 4.10 -5.51 8.94
CA GLU A 43 4.69 -6.77 9.46
C GLU A 43 3.72 -7.95 9.25
N LYS A 44 2.41 -7.67 9.26
CA LYS A 44 1.35 -8.70 9.20
C LYS A 44 1.09 -9.13 7.75
N GLU A 45 1.49 -8.27 6.78
CA GLU A 45 1.15 -8.41 5.35
C GLU A 45 -0.36 -8.13 5.18
N ASP A 46 -0.92 -8.57 4.03
CA ASP A 46 -2.36 -8.57 3.74
C ASP A 46 -2.94 -7.15 3.55
N TYR A 47 -2.07 -6.10 3.60
CA TYR A 47 -2.51 -4.74 3.31
C TYR A 47 -2.71 -4.59 1.81
N ILE A 48 -3.98 -4.70 1.41
CA ILE A 48 -4.45 -4.30 0.10
C ILE A 48 -5.10 -2.92 0.27
N CYS A 49 -4.82 -1.95 -0.64
CA CYS A 49 -5.54 -0.64 -0.61
C CYS A 49 -7.06 -0.97 -0.70
N VAL A 50 -7.88 -0.39 0.19
CA VAL A 50 -9.29 -0.81 0.39
C VAL A 50 -10.11 -0.79 -0.93
N ARG A 51 -9.80 0.18 -1.80
CA ARG A 51 -10.44 0.33 -3.13
C ARG A 51 -10.03 -0.83 -4.07
N CYS A 52 -8.76 -1.28 -3.95
CA CYS A 52 -8.26 -2.49 -4.68
C CYS A 52 -8.99 -3.76 -4.20
N THR A 53 -9.39 -3.79 -2.92
CA THR A 53 -10.08 -4.95 -2.34
C THR A 53 -11.51 -5.08 -2.94
N VAL A 54 -12.19 -3.92 -3.03
CA VAL A 54 -13.55 -3.82 -3.60
C VAL A 54 -13.53 -4.05 -5.13
N LYS A 55 -12.41 -3.67 -5.77
CA LYS A 55 -12.26 -3.73 -7.24
C LYS A 55 -11.14 -4.75 -7.61
N ASP A 56 -10.97 -5.76 -6.74
CA ASP A 56 -10.00 -6.86 -6.93
C ASP A 56 -10.37 -7.68 -8.18
N ALA A 57 -11.68 -7.90 -8.35
CA ALA A 57 -12.27 -8.57 -9.51
C ALA A 57 -13.43 -7.67 -10.02
N PRO A 58 -13.13 -6.63 -10.87
CA PRO A 58 -14.12 -5.62 -11.33
C PRO A 58 -15.19 -6.22 -12.27
N SER A 59 -16.29 -6.71 -11.66
CA SER A 59 -17.44 -7.28 -12.39
C SER A 59 -18.70 -6.49 -11.97
N ARG A 60 -19.18 -6.71 -10.73
CA ARG A 60 -20.32 -5.99 -10.15
C ARG A 60 -20.37 -6.23 -8.62
N LYS A 61 -20.87 -5.24 -7.87
CA LYS A 61 -21.05 -5.32 -6.41
C LYS A 61 -22.51 -4.97 -6.09
ZN ZN B . 5.34 6.38 -2.73
ZN ZN C . -3.48 -1.46 -4.31
N SER A 1 8.61 9.03 -15.18
CA SER A 1 8.32 10.32 -14.51
C SER A 1 8.10 10.10 -13.00
N HIS A 2 6.94 9.49 -12.64
CA HIS A 2 6.55 9.27 -11.24
C HIS A 2 6.70 7.79 -10.88
N MET A 3 7.72 7.47 -10.08
CA MET A 3 7.87 6.12 -9.50
C MET A 3 7.01 6.04 -8.22
N CYS A 4 6.03 5.10 -8.21
CA CYS A 4 5.11 4.91 -7.07
C CYS A 4 4.25 6.17 -6.83
N PRO A 5 3.12 6.37 -7.58
CA PRO A 5 2.31 7.63 -7.51
C PRO A 5 1.47 7.74 -6.21
N ALA A 6 0.84 6.60 -5.82
CA ALA A 6 0.02 6.46 -4.58
C ALA A 6 -0.98 7.62 -4.31
N VAL A 7 -1.40 8.34 -5.37
CA VAL A 7 -2.11 9.64 -5.29
C VAL A 7 -1.22 10.68 -4.56
N SER A 8 -1.10 10.55 -3.24
CA SER A 8 -0.17 11.30 -2.40
C SER A 8 1.01 10.40 -2.03
N CYS A 9 2.04 10.37 -2.89
CA CYS A 9 3.26 9.60 -2.64
C CYS A 9 4.18 10.34 -1.68
N LEU A 10 3.92 10.16 -0.36
CA LEU A 10 4.86 10.59 0.69
C LEU A 10 6.12 9.74 0.53
N GLN A 11 7.16 10.34 -0.07
CA GLN A 11 8.34 9.63 -0.57
C GLN A 11 9.60 9.99 0.26
N PRO A 12 9.95 9.12 1.28
CA PRO A 12 11.28 9.14 1.92
C PRO A 12 12.42 9.04 0.90
N GLU A 13 13.56 9.66 1.26
CA GLU A 13 14.75 9.68 0.39
C GLU A 13 15.39 8.28 0.31
N GLY A 14 14.93 7.50 -0.69
CA GLY A 14 15.42 6.16 -0.97
C GLY A 14 14.84 5.10 -0.02
N ASP A 15 15.65 4.05 0.23
CA ASP A 15 15.26 2.92 1.07
C ASP A 15 15.89 3.09 2.46
N GLU A 16 15.21 3.88 3.29
CA GLU A 16 15.59 4.12 4.70
C GLU A 16 14.36 3.85 5.62
N VAL A 17 13.30 3.25 5.04
CA VAL A 17 12.00 3.06 5.73
C VAL A 17 11.44 1.65 5.49
N ASP A 18 10.39 1.32 6.28
CA ASP A 18 9.61 0.09 6.12
C ASP A 18 8.70 0.22 4.89
N TRP A 19 8.58 -0.86 4.13
CA TRP A 19 7.70 -0.93 2.94
C TRP A 19 6.61 -1.98 3.17
N VAL A 20 5.68 -2.07 2.20
CA VAL A 20 4.57 -3.04 2.21
C VAL A 20 4.02 -3.18 0.77
N GLN A 21 3.71 -4.41 0.36
CA GLN A 21 3.22 -4.68 -1.00
C GLN A 21 1.70 -4.87 -0.98
N CYS A 22 1.02 -4.37 -2.03
CA CYS A 22 -0.44 -4.51 -2.20
C CYS A 22 -0.77 -5.39 -3.39
N ASP A 23 -0.63 -6.71 -3.24
CA ASP A 23 -0.99 -7.66 -4.31
C ASP A 23 -2.52 -7.84 -4.32
N GLY A 24 -3.19 -6.87 -4.95
CA GLY A 24 -4.64 -6.87 -5.13
C GLY A 24 -5.02 -6.02 -6.34
N SER A 25 -4.76 -4.70 -6.24
CA SER A 25 -4.99 -3.73 -7.33
C SER A 25 -4.02 -2.55 -7.17
N CYS A 26 -2.73 -2.89 -7.14
CA CYS A 26 -1.60 -1.93 -7.10
C CYS A 26 -0.35 -2.70 -7.53
N ASN A 27 -0.15 -3.83 -6.82
CA ASN A 27 0.90 -4.85 -7.08
C ASN A 27 2.34 -4.31 -6.96
N GLN A 28 2.47 -3.09 -6.41
CA GLN A 28 3.77 -2.46 -6.18
C GLN A 28 4.09 -2.47 -4.68
N TRP A 29 5.35 -2.18 -4.38
CA TRP A 29 5.82 -1.92 -3.03
C TRP A 29 5.63 -0.42 -2.71
N PHE A 30 5.17 -0.14 -1.50
CA PHE A 30 4.87 1.21 -1.03
C PHE A 30 5.51 1.40 0.35
N HIS A 31 6.20 2.53 0.53
CA HIS A 31 6.73 2.98 1.84
C HIS A 31 5.56 3.10 2.84
N GLN A 32 5.83 2.82 4.12
CA GLN A 32 4.83 2.73 5.17
C GLN A 32 4.02 4.04 5.27
N VAL A 33 4.74 5.17 5.24
CA VAL A 33 4.15 6.51 5.34
C VAL A 33 3.36 6.89 4.07
N CYS A 34 3.79 6.33 2.90
CA CYS A 34 3.22 6.68 1.57
C CYS A 34 1.69 6.48 1.53
N VAL A 35 1.25 5.28 1.92
CA VAL A 35 -0.17 4.90 1.94
C VAL A 35 -0.77 5.09 3.35
N GLY A 36 0.10 5.45 4.32
CA GLY A 36 -0.29 5.61 5.72
C GLY A 36 -0.79 4.31 6.34
N VAL A 37 -0.15 3.20 5.96
CA VAL A 37 -0.52 1.85 6.41
C VAL A 37 -0.20 1.67 7.89
N SER A 38 -1.06 0.92 8.58
CA SER A 38 -0.86 0.48 9.96
C SER A 38 0.44 -0.33 10.06
N PRO A 39 1.37 -0.01 11.04
CA PRO A 39 2.64 -0.77 11.23
C PRO A 39 2.40 -2.29 11.40
N GLU A 40 1.19 -2.65 11.88
CA GLU A 40 0.73 -4.05 11.97
C GLU A 40 0.62 -4.67 10.56
N MET A 41 -0.09 -3.97 9.65
CA MET A 41 -0.34 -4.46 8.26
C MET A 41 0.95 -4.38 7.41
N ALA A 42 1.81 -3.39 7.72
CA ALA A 42 3.12 -3.19 7.07
C ALA A 42 4.07 -4.35 7.41
N GLU A 43 4.10 -4.75 8.69
CA GLU A 43 4.92 -5.88 9.17
C GLU A 43 4.28 -7.23 8.75
N LYS A 44 2.96 -7.21 8.54
CA LYS A 44 2.19 -8.38 8.04
C LYS A 44 2.45 -8.52 6.51
N GLU A 45 2.91 -7.40 5.88
CA GLU A 45 3.37 -7.33 4.46
C GLU A 45 2.22 -7.55 3.47
N ASP A 46 1.00 -7.46 3.97
CA ASP A 46 -0.23 -7.80 3.25
C ASP A 46 -1.26 -6.70 3.49
N TYR A 47 -1.20 -5.69 2.62
CA TYR A 47 -2.06 -4.50 2.65
C TYR A 47 -2.88 -4.43 1.36
N ILE A 48 -4.18 -4.72 1.44
CA ILE A 48 -5.10 -4.60 0.32
C ILE A 48 -5.98 -3.37 0.61
N CYS A 49 -5.80 -2.27 -0.17
CA CYS A 49 -6.52 -0.99 0.03
C CYS A 49 -8.05 -1.21 -0.04
N VAL A 50 -8.82 -0.28 0.56
CA VAL A 50 -10.30 -0.35 0.57
C VAL A 50 -10.83 -0.37 -0.89
N ARG A 51 -10.19 0.40 -1.78
CA ARG A 51 -10.45 0.38 -3.24
C ARG A 51 -10.27 -1.05 -3.82
N CYS A 52 -9.12 -1.66 -3.47
CA CYS A 52 -8.70 -2.98 -4.00
C CYS A 52 -9.56 -4.14 -3.44
N THR A 53 -10.12 -3.94 -2.24
CA THR A 53 -10.94 -4.96 -1.56
C THR A 53 -12.41 -4.89 -2.03
N VAL A 54 -13.00 -3.69 -1.95
CA VAL A 54 -14.41 -3.46 -2.30
C VAL A 54 -14.65 -3.64 -3.83
N LYS A 55 -13.58 -3.53 -4.66
CA LYS A 55 -13.70 -3.75 -6.12
C LYS A 55 -14.12 -5.21 -6.41
N ASP A 56 -13.54 -6.15 -5.66
CA ASP A 56 -13.83 -7.59 -5.82
C ASP A 56 -13.35 -8.34 -4.57
N ALA A 57 -12.04 -8.15 -4.25
CA ALA A 57 -11.32 -8.89 -3.20
C ALA A 57 -11.14 -10.38 -3.58
N PRO A 58 -9.89 -10.86 -3.87
CA PRO A 58 -9.59 -12.30 -4.08
C PRO A 58 -9.48 -13.07 -2.73
N SER A 59 -10.46 -12.84 -1.85
CA SER A 59 -10.51 -13.39 -0.50
C SER A 59 -11.12 -14.80 -0.46
N ARG A 60 -11.77 -15.21 -1.56
CA ARG A 60 -12.40 -16.54 -1.69
C ARG A 60 -11.31 -17.62 -1.90
N LYS A 61 -10.71 -18.07 -0.77
CA LYS A 61 -9.65 -19.10 -0.78
C LYS A 61 -10.12 -20.25 0.16
ZN ZN B . 5.35 6.27 -2.74
ZN ZN C . -4.04 -1.36 -3.39
N SER A 1 7.08 12.10 -14.09
CA SER A 1 7.10 10.62 -14.06
C SER A 1 6.37 10.10 -12.80
N HIS A 2 5.57 9.03 -12.97
CA HIS A 2 4.86 8.37 -11.86
C HIS A 2 5.71 7.19 -11.33
N MET A 3 6.59 7.50 -10.37
CA MET A 3 7.31 6.49 -9.57
C MET A 3 6.29 5.81 -8.62
N CYS A 4 5.43 6.67 -8.04
CA CYS A 4 4.38 6.26 -7.09
C CYS A 4 3.44 7.46 -6.80
N PRO A 5 2.31 7.62 -7.58
CA PRO A 5 1.31 8.69 -7.31
C PRO A 5 0.40 8.37 -6.11
N ALA A 6 0.03 7.07 -5.97
CA ALA A 6 -0.65 6.47 -4.79
C ALA A 6 -1.88 7.25 -4.24
N VAL A 7 -2.52 8.07 -5.11
CA VAL A 7 -3.58 9.04 -4.74
C VAL A 7 -3.04 10.11 -3.75
N SER A 8 -2.83 9.69 -2.48
CA SER A 8 -2.22 10.52 -1.43
C SER A 8 -0.82 9.95 -1.13
N CYS A 9 0.14 10.32 -1.99
CA CYS A 9 1.53 9.85 -1.88
C CYS A 9 2.33 10.71 -0.90
N LEU A 10 2.26 10.33 0.39
CA LEU A 10 3.21 10.83 1.40
C LEU A 10 4.59 10.30 1.04
N GLN A 11 5.49 11.21 0.62
CA GLN A 11 6.83 10.89 0.14
C GLN A 11 7.88 11.18 1.21
N PRO A 12 8.39 10.13 1.91
CA PRO A 12 9.60 10.22 2.73
C PRO A 12 10.87 10.09 1.85
N GLU A 13 12.03 10.16 2.48
CA GLU A 13 13.33 10.06 1.80
C GLU A 13 13.92 8.63 1.98
N GLY A 14 13.04 7.65 2.24
CA GLY A 14 13.44 6.26 2.49
C GLY A 14 14.29 6.14 3.75
N ASP A 15 13.94 6.99 4.74
CA ASP A 15 14.72 7.24 5.97
C ASP A 15 15.01 5.93 6.72
N GLU A 16 13.92 5.30 7.16
CA GLU A 16 13.92 3.94 7.75
C GLU A 16 12.63 3.22 7.29
N VAL A 17 12.03 3.75 6.21
CA VAL A 17 10.67 3.43 5.80
C VAL A 17 10.60 2.10 5.07
N ASP A 18 9.75 1.22 5.59
CA ASP A 18 9.47 -0.08 5.00
C ASP A 18 8.42 0.09 3.91
N TRP A 19 8.49 -0.70 2.86
CA TRP A 19 7.58 -0.61 1.72
C TRP A 19 6.76 -1.91 1.63
N VAL A 20 5.44 -1.75 1.55
CA VAL A 20 4.51 -2.85 1.35
C VAL A 20 4.00 -2.86 -0.09
N GLN A 21 4.15 -4.02 -0.74
CA GLN A 21 3.68 -4.26 -2.11
C GLN A 21 2.21 -4.69 -2.07
N CYS A 22 1.34 -4.01 -2.83
CA CYS A 22 -0.09 -4.35 -2.91
C CYS A 22 -0.30 -5.45 -3.96
N ASP A 23 -0.04 -6.71 -3.58
CA ASP A 23 -0.23 -7.90 -4.45
C ASP A 23 -1.68 -8.01 -4.97
N GLY A 24 -2.63 -7.47 -4.20
CA GLY A 24 -4.00 -7.26 -4.68
C GLY A 24 -4.06 -6.13 -5.70
N SER A 25 -4.19 -6.50 -6.99
CA SER A 25 -4.65 -5.62 -8.11
C SER A 25 -3.86 -4.30 -8.22
N CYS A 26 -2.54 -4.44 -8.17
CA CYS A 26 -1.60 -3.31 -8.24
C CYS A 26 -0.20 -3.83 -8.61
N ASN A 27 0.35 -4.70 -7.71
CA ASN A 27 1.75 -5.22 -7.78
C ASN A 27 2.78 -4.11 -7.46
N GLN A 28 2.27 -2.92 -7.11
CA GLN A 28 3.08 -1.69 -6.92
C GLN A 28 3.61 -1.62 -5.49
N TRP A 29 4.84 -1.13 -5.35
CA TRP A 29 5.51 -0.92 -4.06
C TRP A 29 5.16 0.46 -3.50
N PHE A 30 4.40 0.46 -2.40
CA PHE A 30 3.99 1.67 -1.67
C PHE A 30 4.76 1.75 -0.35
N HIS A 31 5.19 2.96 0.03
CA HIS A 31 5.86 3.22 1.33
C HIS A 31 4.83 3.03 2.45
N GLN A 32 5.33 2.71 3.64
CA GLN A 32 4.54 2.43 4.85
C GLN A 32 3.54 3.59 5.13
N VAL A 33 4.10 4.81 5.12
CA VAL A 33 3.35 6.05 5.39
C VAL A 33 2.40 6.43 4.23
N CYS A 34 2.78 6.02 2.99
CA CYS A 34 2.04 6.38 1.74
C CYS A 34 0.57 5.92 1.79
N VAL A 35 0.39 4.65 2.15
CA VAL A 35 -0.93 4.00 2.21
C VAL A 35 -1.50 4.03 3.65
N GLY A 36 -0.76 4.67 4.58
CA GLY A 36 -1.22 4.84 5.97
C GLY A 36 -1.23 3.55 6.79
N VAL A 37 -0.47 2.56 6.32
CA VAL A 37 -0.32 1.26 6.99
C VAL A 37 0.80 1.38 8.05
N SER A 38 0.46 1.10 9.32
CA SER A 38 1.41 1.12 10.44
C SER A 38 2.36 -0.12 10.36
N PRO A 39 3.58 -0.09 11.00
CA PRO A 39 4.52 -1.25 11.04
C PRO A 39 3.85 -2.55 11.54
N GLU A 40 2.98 -2.39 12.54
CA GLU A 40 2.23 -3.50 13.17
C GLU A 40 1.27 -4.13 12.14
N MET A 41 0.55 -3.27 11.38
CA MET A 41 -0.42 -3.70 10.34
C MET A 41 0.30 -4.49 9.23
N ALA A 42 1.42 -3.91 8.75
CA ALA A 42 2.26 -4.49 7.68
C ALA A 42 2.87 -5.84 8.10
N GLU A 43 3.05 -6.03 9.41
CA GLU A 43 3.61 -7.27 9.99
C GLU A 43 2.51 -8.35 10.17
N LYS A 44 1.38 -7.98 10.82
CA LYS A 44 0.37 -8.96 11.27
C LYS A 44 -0.72 -9.18 10.20
N GLU A 45 -1.43 -8.10 9.83
CA GLU A 45 -2.61 -8.16 8.92
C GLU A 45 -3.02 -6.79 8.41
N ASP A 46 -3.64 -6.81 7.21
CA ASP A 46 -4.27 -5.67 6.54
C ASP A 46 -3.26 -4.60 6.08
N TYR A 47 -2.99 -4.62 4.77
CA TYR A 47 -2.15 -3.63 4.08
C TYR A 47 -2.59 -3.47 2.61
N ILE A 48 -3.80 -3.99 2.33
CA ILE A 48 -4.41 -3.99 0.99
C ILE A 48 -5.05 -2.62 0.75
N CYS A 49 -4.65 -1.92 -0.34
CA CYS A 49 -5.14 -0.56 -0.63
C CYS A 49 -6.65 -0.58 -0.95
N VAL A 50 -7.35 0.53 -0.58
CA VAL A 50 -8.85 0.67 -0.61
C VAL A 50 -9.49 0.13 -1.91
N ARG A 51 -8.84 0.44 -3.05
CA ARG A 51 -9.29 0.00 -4.40
C ARG A 51 -9.49 -1.52 -4.47
N CYS A 52 -8.48 -2.26 -4.02
CA CYS A 52 -8.46 -3.72 -4.09
C CYS A 52 -9.36 -4.36 -3.03
N THR A 53 -9.58 -3.63 -1.92
CA THR A 53 -10.47 -4.06 -0.83
C THR A 53 -11.95 -4.06 -1.30
N VAL A 54 -12.35 -2.96 -1.96
CA VAL A 54 -13.73 -2.78 -2.48
C VAL A 54 -13.96 -3.65 -3.74
N LYS A 55 -12.88 -3.89 -4.52
CA LYS A 55 -12.90 -4.81 -5.67
C LYS A 55 -13.22 -6.24 -5.22
N ASP A 56 -12.29 -6.82 -4.45
CA ASP A 56 -12.38 -8.21 -3.99
C ASP A 56 -11.27 -8.51 -2.98
N ALA A 57 -10.02 -8.25 -3.43
CA ALA A 57 -8.78 -8.70 -2.77
C ALA A 57 -8.73 -10.24 -2.73
N PRO A 58 -8.33 -10.91 -3.86
CA PRO A 58 -8.28 -12.39 -3.95
C PRO A 58 -7.15 -13.00 -3.09
N SER A 59 -7.45 -13.14 -1.79
CA SER A 59 -6.61 -13.87 -0.83
C SER A 59 -7.24 -15.27 -0.55
N ARG A 60 -8.28 -15.60 -1.34
CA ARG A 60 -9.01 -16.88 -1.29
C ARG A 60 -8.09 -18.05 -1.71
N LYS A 61 -8.42 -19.28 -1.25
CA LYS A 61 -7.62 -20.50 -1.49
C LYS A 61 -7.42 -20.75 -3.02
ZN ZN B . 4.01 6.91 -2.62
ZN ZN C . -4.15 -2.14 -4.57
N SER A 1 7.95 6.30 -11.45
CA SER A 1 8.14 7.07 -10.20
C SER A 1 7.13 8.24 -10.14
N HIS A 2 5.91 8.02 -10.67
CA HIS A 2 4.81 9.02 -10.65
C HIS A 2 4.05 8.94 -9.31
N MET A 3 4.79 9.27 -8.22
CA MET A 3 4.29 9.40 -6.84
C MET A 3 3.69 8.11 -6.24
N CYS A 4 3.68 6.98 -6.98
CA CYS A 4 3.02 5.70 -6.56
C CYS A 4 1.49 5.91 -6.33
N PRO A 5 0.59 5.14 -7.03
CA PRO A 5 -0.89 5.35 -6.94
C PRO A 5 -1.45 5.07 -5.52
N ALA A 6 -1.39 6.11 -4.67
CA ALA A 6 -1.84 6.08 -3.27
C ALA A 6 -2.76 7.28 -2.99
N VAL A 7 -3.39 7.27 -1.80
CA VAL A 7 -4.38 8.29 -1.40
C VAL A 7 -3.72 9.68 -1.22
N SER A 8 -2.50 9.66 -0.66
CA SER A 8 -1.65 10.86 -0.52
C SER A 8 -0.19 10.43 -0.39
N CYS A 9 0.62 10.70 -1.44
CA CYS A 9 2.05 10.34 -1.45
C CYS A 9 2.88 11.47 -0.84
N LEU A 10 3.41 11.22 0.35
CA LEU A 10 4.48 12.03 0.94
C LEU A 10 5.80 11.81 0.17
N GLN A 11 6.72 12.77 0.30
CA GLN A 11 8.09 12.67 -0.20
C GLN A 11 9.00 12.36 1.00
N PRO A 12 9.31 11.05 1.29
CA PRO A 12 10.23 10.67 2.38
C PRO A 12 11.65 11.19 2.09
N GLU A 13 12.10 12.14 2.93
CA GLU A 13 13.43 12.78 2.80
C GLU A 13 14.51 11.95 3.53
N GLY A 14 14.51 10.69 3.16
CA GLY A 14 15.33 9.66 3.79
C GLY A 14 14.73 8.28 3.54
N ASP A 15 15.60 7.27 3.35
CA ASP A 15 15.21 5.85 3.13
C ASP A 15 14.92 5.13 4.46
N GLU A 16 14.60 5.93 5.50
CA GLU A 16 14.25 5.42 6.84
C GLU A 16 12.84 4.82 6.88
N VAL A 17 12.03 5.12 5.84
CA VAL A 17 10.70 4.50 5.67
C VAL A 17 10.86 3.10 5.04
N ASP A 18 10.11 2.12 5.55
CA ASP A 18 10.09 0.76 5.00
C ASP A 18 8.99 0.67 3.93
N TRP A 19 9.18 -0.22 2.94
CA TRP A 19 8.23 -0.41 1.83
C TRP A 19 7.40 -1.68 2.04
N VAL A 20 6.19 -1.67 1.47
CA VAL A 20 5.25 -2.78 1.48
C VAL A 20 4.57 -2.85 0.10
N GLN A 21 4.65 -4.01 -0.57
CA GLN A 21 3.98 -4.24 -1.85
C GLN A 21 2.54 -4.69 -1.58
N CYS A 22 1.61 -4.21 -2.42
CA CYS A 22 0.18 -4.33 -2.14
C CYS A 22 -0.30 -5.80 -2.20
N ASP A 23 -1.36 -6.08 -1.43
CA ASP A 23 -1.94 -7.42 -1.22
C ASP A 23 -2.70 -7.94 -2.46
N GLY A 24 -3.51 -7.05 -3.08
CA GLY A 24 -4.49 -7.43 -4.10
C GLY A 24 -3.87 -7.54 -5.49
N SER A 25 -4.51 -6.86 -6.47
CA SER A 25 -3.98 -6.74 -7.84
C SER A 25 -3.80 -5.24 -8.12
N CYS A 26 -2.74 -4.70 -7.54
CA CYS A 26 -2.31 -3.30 -7.71
C CYS A 26 -0.96 -3.25 -8.44
N ASN A 27 -0.17 -4.34 -8.26
CA ASN A 27 1.20 -4.50 -8.83
C ASN A 27 2.26 -3.70 -8.05
N GLN A 28 1.90 -2.50 -7.59
CA GLN A 28 2.85 -1.50 -7.09
C GLN A 28 3.22 -1.71 -5.61
N TRP A 29 4.46 -1.34 -5.29
CA TRP A 29 4.99 -1.27 -3.94
C TRP A 29 5.05 0.20 -3.52
N PHE A 30 4.68 0.43 -2.28
CA PHE A 30 4.57 1.78 -1.70
C PHE A 30 5.47 1.84 -0.46
N HIS A 31 5.78 3.05 0.01
CA HIS A 31 6.25 3.25 1.40
C HIS A 31 5.04 2.97 2.32
N GLN A 32 5.28 2.43 3.52
CA GLN A 32 4.18 2.08 4.44
C GLN A 32 3.33 3.32 4.76
N VAL A 33 4.02 4.44 4.98
CA VAL A 33 3.39 5.75 5.22
C VAL A 33 2.64 6.30 3.97
N CYS A 34 3.06 5.87 2.76
CA CYS A 34 2.42 6.25 1.45
C CYS A 34 0.93 5.84 1.43
N VAL A 35 0.64 4.66 1.98
CA VAL A 35 -0.73 4.08 2.04
C VAL A 35 -1.33 4.19 3.46
N GLY A 36 -0.55 4.74 4.40
CA GLY A 36 -1.02 5.02 5.77
C GLY A 36 -1.05 3.78 6.68
N VAL A 37 -0.36 2.71 6.25
CA VAL A 37 -0.26 1.46 7.01
C VAL A 37 0.96 1.50 7.96
N SER A 38 0.77 1.04 9.20
CA SER A 38 1.84 0.97 10.22
C SER A 38 2.55 -0.40 10.15
N PRO A 39 3.87 -0.51 10.56
CA PRO A 39 4.67 -1.76 10.50
C PRO A 39 3.96 -3.01 11.05
N GLU A 40 3.52 -2.93 12.32
CA GLU A 40 2.87 -4.07 13.02
C GLU A 40 1.50 -4.40 12.40
N MET A 41 0.84 -3.39 11.81
CA MET A 41 -0.45 -3.58 11.13
C MET A 41 -0.25 -4.29 9.78
N ALA A 42 0.91 -4.06 9.15
CA ALA A 42 1.30 -4.73 7.88
C ALA A 42 1.75 -6.19 8.14
N GLU A 43 2.41 -6.42 9.29
CA GLU A 43 2.98 -7.73 9.66
C GLU A 43 1.90 -8.67 10.22
N LYS A 44 1.10 -8.16 11.17
CA LYS A 44 0.13 -8.97 11.94
C LYS A 44 -1.25 -8.99 11.27
N GLU A 45 -1.59 -7.95 10.49
CA GLU A 45 -2.90 -7.81 9.85
C GLU A 45 -2.74 -7.66 8.33
N ASP A 46 -3.85 -7.73 7.61
CA ASP A 46 -3.88 -7.57 6.15
C ASP A 46 -3.96 -6.08 5.77
N TYR A 47 -2.99 -5.63 4.97
CA TYR A 47 -2.86 -4.22 4.51
C TYR A 47 -3.66 -4.00 3.20
N ILE A 48 -4.92 -4.45 3.22
CA ILE A 48 -5.82 -4.37 2.06
C ILE A 48 -6.28 -2.93 1.86
N CYS A 49 -5.71 -2.28 0.83
CA CYS A 49 -6.02 -0.89 0.46
C CYS A 49 -7.44 -0.80 -0.10
N VAL A 50 -7.99 0.43 -0.13
CA VAL A 50 -9.37 0.69 -0.63
C VAL A 50 -9.56 0.12 -2.06
N ARG A 51 -8.53 0.32 -2.92
CA ARG A 51 -8.51 -0.21 -4.31
C ARG A 51 -8.62 -1.75 -4.32
N CYS A 52 -7.95 -2.42 -3.37
CA CYS A 52 -7.96 -3.90 -3.28
C CYS A 52 -9.30 -4.42 -2.76
N THR A 53 -9.92 -3.66 -1.86
CA THR A 53 -11.18 -4.07 -1.24
C THR A 53 -12.34 -3.99 -2.27
N VAL A 54 -12.44 -2.86 -3.01
CA VAL A 54 -13.56 -2.61 -3.93
C VAL A 54 -13.32 -3.25 -5.33
N LYS A 55 -12.09 -3.11 -5.88
CA LYS A 55 -11.82 -3.44 -7.30
C LYS A 55 -11.55 -4.95 -7.45
N ASP A 56 -10.87 -5.53 -6.45
CA ASP A 56 -10.57 -6.97 -6.41
C ASP A 56 -11.70 -7.75 -5.69
N ALA A 57 -12.95 -7.26 -5.88
CA ALA A 57 -14.18 -7.86 -5.36
C ALA A 57 -15.29 -7.68 -6.41
N PRO A 58 -15.56 -8.73 -7.25
CA PRO A 58 -16.61 -8.68 -8.32
C PRO A 58 -17.98 -8.20 -7.83
N SER A 59 -18.29 -6.92 -8.11
CA SER A 59 -19.55 -6.27 -7.71
C SER A 59 -20.04 -5.33 -8.82
N ARG A 60 -21.35 -5.29 -9.05
CA ARG A 60 -21.98 -4.45 -10.08
C ARG A 60 -22.10 -3.01 -9.55
N LYS A 61 -21.20 -2.14 -10.04
CA LYS A 61 -21.05 -0.75 -9.59
C LYS A 61 -20.56 -0.71 -8.11
ZN ZN B . 4.69 7.18 -2.58
ZN ZN C . -4.07 -2.42 -3.36
N SER A 1 2.43 11.93 -8.49
CA SER A 1 3.18 11.50 -9.71
C SER A 1 3.68 10.05 -9.47
N HIS A 2 4.70 9.62 -10.24
CA HIS A 2 5.40 8.34 -9.94
C HIS A 2 6.17 8.49 -8.61
N MET A 3 6.40 7.36 -7.89
CA MET A 3 7.04 7.31 -6.53
C MET A 3 6.01 7.64 -5.45
N CYS A 4 5.17 8.66 -5.68
CA CYS A 4 4.06 9.03 -4.78
C CYS A 4 2.72 9.13 -5.54
N PRO A 5 2.11 7.95 -5.92
CA PRO A 5 0.87 7.89 -6.73
C PRO A 5 -0.45 7.83 -5.92
N ALA A 6 -0.38 7.34 -4.65
CA ALA A 6 -1.56 7.20 -3.77
C ALA A 6 -2.19 8.58 -3.47
N VAL A 7 -3.52 8.61 -3.30
CA VAL A 7 -4.30 9.87 -3.14
C VAL A 7 -3.79 10.74 -1.97
N SER A 8 -3.30 10.09 -0.91
CA SER A 8 -2.57 10.74 0.18
C SER A 8 -1.24 9.99 0.37
N CYS A 9 -0.15 10.55 -0.19
CA CYS A 9 1.12 9.81 -0.35
C CYS A 9 2.34 10.71 -0.11
N LEU A 10 2.15 11.79 0.70
CA LEU A 10 3.22 12.63 1.34
C LEU A 10 4.24 13.34 0.37
N GLN A 11 5.04 12.52 -0.34
CA GLN A 11 6.22 12.89 -1.14
C GLN A 11 7.47 13.02 -0.25
N PRO A 12 7.89 11.93 0.47
CA PRO A 12 9.10 11.92 1.31
C PRO A 12 10.30 11.37 0.51
N GLU A 13 11.08 12.29 -0.05
CA GLU A 13 12.26 11.96 -0.86
C GLU A 13 13.41 11.52 0.06
N GLY A 14 13.37 10.23 0.41
CA GLY A 14 14.32 9.62 1.32
C GLY A 14 14.28 8.11 1.20
N ASP A 15 15.43 7.51 0.88
CA ASP A 15 15.56 6.04 0.65
C ASP A 15 15.28 5.24 1.92
N GLU A 16 15.38 5.90 3.08
CA GLU A 16 15.28 5.28 4.40
C GLU A 16 13.81 4.96 4.78
N VAL A 17 12.85 5.26 3.88
CA VAL A 17 11.43 4.91 4.09
C VAL A 17 11.20 3.42 3.76
N ASP A 18 10.41 2.76 4.62
CA ASP A 18 10.06 1.33 4.51
C ASP A 18 8.72 1.16 3.77
N TRP A 19 8.56 0.04 3.04
CA TRP A 19 7.41 -0.20 2.13
C TRP A 19 6.59 -1.44 2.55
N VAL A 20 5.35 -1.50 2.05
CA VAL A 20 4.46 -2.66 2.16
C VAL A 20 3.79 -2.88 0.80
N GLN A 21 3.71 -4.15 0.39
CA GLN A 21 3.06 -4.55 -0.87
C GLN A 21 1.53 -4.51 -0.67
N CYS A 22 0.78 -4.29 -1.76
CA CYS A 22 -0.68 -4.18 -1.71
C CYS A 22 -1.40 -5.53 -1.57
N ASP A 23 -0.70 -6.63 -1.94
CA ASP A 23 -1.21 -8.03 -1.95
C ASP A 23 -2.17 -8.30 -3.14
N GLY A 24 -3.14 -7.39 -3.36
CA GLY A 24 -4.12 -7.51 -4.46
C GLY A 24 -3.50 -7.58 -5.87
N SER A 25 -4.35 -7.70 -6.90
CA SER A 25 -3.93 -8.03 -8.29
C SER A 25 -3.07 -6.91 -8.93
N CYS A 26 -3.23 -5.67 -8.42
CA CYS A 26 -2.40 -4.52 -8.84
C CYS A 26 -0.93 -4.73 -8.38
N ASN A 27 -0.78 -5.37 -7.19
CA ASN A 27 0.51 -5.93 -6.67
C ASN A 27 1.59 -4.83 -6.37
N GLN A 28 1.14 -3.56 -6.35
CA GLN A 28 2.01 -2.38 -6.17
C GLN A 28 2.51 -2.25 -4.71
N TRP A 29 3.77 -1.82 -4.57
CA TRP A 29 4.40 -1.53 -3.26
C TRP A 29 4.23 -0.04 -2.92
N PHE A 30 3.52 0.22 -1.81
CA PHE A 30 3.33 1.57 -1.27
C PHE A 30 4.11 1.71 0.05
N HIS A 31 4.96 2.75 0.14
CA HIS A 31 5.70 3.09 1.38
C HIS A 31 4.76 3.22 2.59
N GLN A 32 5.05 2.42 3.64
CA GLN A 32 4.30 2.36 4.90
C GLN A 32 4.12 3.75 5.55
N VAL A 33 5.23 4.52 5.61
CA VAL A 33 5.24 5.88 6.22
C VAL A 33 4.23 6.81 5.52
N CYS A 34 4.12 6.62 4.19
CA CYS A 34 3.30 7.47 3.30
C CYS A 34 1.81 7.16 3.46
N VAL A 35 1.49 5.87 3.61
CA VAL A 35 0.09 5.38 3.61
C VAL A 35 -0.40 5.10 5.06
N GLY A 36 0.43 5.48 6.05
CA GLY A 36 0.04 5.43 7.47
C GLY A 36 0.12 4.05 8.10
N VAL A 37 0.57 3.05 7.33
CA VAL A 37 0.71 1.68 7.82
C VAL A 37 2.00 1.55 8.65
N SER A 38 1.87 1.05 9.88
CA SER A 38 3.00 0.85 10.81
C SER A 38 3.54 -0.61 10.68
N PRO A 39 4.77 -0.96 11.21
CA PRO A 39 5.40 -2.31 11.02
C PRO A 39 4.48 -3.50 11.37
N GLU A 40 3.89 -3.49 12.58
CA GLU A 40 2.97 -4.57 13.04
C GLU A 40 1.63 -4.54 12.28
N MET A 41 1.23 -3.35 11.80
CA MET A 41 0.01 -3.18 10.98
C MET A 41 0.19 -3.83 9.60
N ALA A 42 1.42 -3.72 9.05
CA ALA A 42 1.82 -4.34 7.76
C ALA A 42 1.99 -5.86 7.92
N GLU A 43 2.41 -6.24 9.13
CA GLU A 43 2.66 -7.64 9.52
C GLU A 43 1.33 -8.40 9.64
N LYS A 44 0.29 -7.71 10.13
CA LYS A 44 -1.07 -8.25 10.25
C LYS A 44 -1.76 -8.28 8.87
N GLU A 45 -1.74 -7.11 8.21
CA GLU A 45 -2.47 -6.87 6.96
C GLU A 45 -1.60 -6.05 6.02
N ASP A 46 -1.60 -6.39 4.73
CA ASP A 46 -0.96 -5.58 3.68
C ASP A 46 -1.77 -4.30 3.43
N TYR A 47 -1.26 -3.42 2.55
CA TYR A 47 -1.99 -2.21 2.17
C TYR A 47 -2.90 -2.52 0.96
N ILE A 48 -4.04 -3.17 1.23
CA ILE A 48 -5.02 -3.52 0.17
C ILE A 48 -5.76 -2.23 -0.24
N CYS A 49 -5.40 -1.70 -1.44
CA CYS A 49 -5.98 -0.46 -1.97
C CYS A 49 -7.42 -0.70 -2.45
N VAL A 50 -8.19 0.40 -2.57
CA VAL A 50 -9.66 0.38 -2.70
C VAL A 50 -10.18 -0.53 -3.83
N ARG A 51 -9.49 -0.56 -5.00
CA ARG A 51 -9.92 -1.38 -6.16
C ARG A 51 -9.70 -2.89 -5.89
N CYS A 52 -8.67 -3.22 -5.09
CA CYS A 52 -8.43 -4.60 -4.61
C CYS A 52 -9.44 -5.00 -3.51
N THR A 53 -9.98 -4.01 -2.79
CA THR A 53 -10.92 -4.23 -1.68
C THR A 53 -12.36 -4.44 -2.21
N VAL A 54 -12.72 -3.67 -3.25
CA VAL A 54 -14.01 -3.76 -3.94
C VAL A 54 -14.00 -4.98 -4.89
N LYS A 55 -12.82 -5.30 -5.44
CA LYS A 55 -12.64 -6.45 -6.34
C LYS A 55 -11.36 -7.23 -5.97
N ASP A 56 -11.49 -8.19 -5.05
CA ASP A 56 -10.42 -9.20 -4.81
C ASP A 56 -10.71 -10.43 -5.68
N ALA A 57 -11.99 -10.60 -6.06
CA ALA A 57 -12.46 -11.71 -6.88
C ALA A 57 -13.41 -11.16 -7.98
N PRO A 58 -12.84 -10.75 -9.16
CA PRO A 58 -13.65 -10.26 -10.32
C PRO A 58 -14.52 -11.38 -10.93
N SER A 59 -14.10 -12.64 -10.71
CA SER A 59 -14.84 -13.83 -11.14
C SER A 59 -14.80 -14.86 -9.99
N ARG A 60 -15.93 -14.99 -9.29
CA ARG A 60 -16.05 -15.87 -8.12
C ARG A 60 -16.14 -17.35 -8.56
N LYS A 61 -15.03 -18.08 -8.39
CA LYS A 61 -14.93 -19.52 -8.72
C LYS A 61 -14.62 -20.35 -7.45
ZN ZN B . 4.54 8.34 -1.29
ZN ZN C . -4.11 -2.85 -4.89
N SER A 1 1.99 15.94 -11.14
CA SER A 1 2.74 15.49 -9.94
C SER A 1 2.70 13.95 -9.87
N HIS A 2 3.85 13.29 -10.10
CA HIS A 2 3.95 11.82 -10.07
C HIS A 2 5.40 11.40 -9.78
N MET A 3 5.69 11.20 -8.48
CA MET A 3 6.99 10.69 -7.99
C MET A 3 6.76 10.00 -6.61
N CYS A 4 5.48 9.87 -6.23
CA CYS A 4 5.06 9.43 -4.89
C CYS A 4 3.58 8.94 -5.00
N PRO A 5 3.36 7.59 -5.26
CA PRO A 5 2.08 7.02 -5.81
C PRO A 5 0.76 7.39 -5.08
N ALA A 6 0.73 7.20 -3.75
CA ALA A 6 -0.51 7.31 -2.92
C ALA A 6 -1.16 8.72 -3.00
N VAL A 7 -2.47 8.80 -2.68
CA VAL A 7 -3.22 10.08 -2.62
C VAL A 7 -2.85 10.87 -1.34
N SER A 8 -2.77 10.14 -0.22
CA SER A 8 -2.41 10.68 1.10
C SER A 8 -0.89 10.55 1.31
N CYS A 9 -0.14 11.05 0.32
CA CYS A 9 1.30 10.81 0.18
C CYS A 9 2.14 11.92 0.85
N LEU A 10 2.97 11.54 1.85
CA LEU A 10 4.13 12.36 2.29
C LEU A 10 5.20 12.35 1.17
N GLN A 11 6.30 13.08 1.40
CA GLN A 11 7.48 13.05 0.51
C GLN A 11 8.67 12.48 1.32
N PRO A 12 8.78 11.11 1.42
CA PRO A 12 9.85 10.45 2.20
C PRO A 12 11.18 10.35 1.42
N GLU A 13 12.29 10.68 2.11
CA GLU A 13 13.66 10.57 1.56
C GLU A 13 14.66 10.25 2.69
N GLY A 14 15.77 9.57 2.34
CA GLY A 14 16.80 9.21 3.31
C GLY A 14 17.43 7.86 3.01
N ASP A 15 17.82 7.12 4.06
CA ASP A 15 18.48 5.81 3.96
C ASP A 15 17.42 4.70 4.01
N GLU A 16 16.75 4.51 2.85
CA GLU A 16 15.73 3.46 2.62
C GLU A 16 14.45 3.74 3.41
N VAL A 17 13.35 3.86 2.67
CA VAL A 17 12.00 4.09 3.23
C VAL A 17 11.32 2.73 3.52
N ASP A 18 10.52 2.70 4.58
CA ASP A 18 9.70 1.51 4.94
C ASP A 18 8.56 1.38 3.91
N TRP A 19 8.48 0.23 3.20
CA TRP A 19 7.48 -0.01 2.13
C TRP A 19 6.57 -1.20 2.48
N VAL A 20 5.26 -0.95 2.34
CA VAL A 20 4.21 -1.97 2.50
C VAL A 20 3.67 -2.40 1.12
N GLN A 21 3.75 -3.70 0.83
CA GLN A 21 3.15 -4.28 -0.38
C GLN A 21 1.65 -4.54 -0.14
N CYS A 22 0.82 -4.22 -1.14
CA CYS A 22 -0.59 -4.63 -1.13
C CYS A 22 -0.70 -6.05 -1.68
N ASP A 23 -0.44 -7.05 -0.80
CA ASP A 23 -0.44 -8.50 -1.14
C ASP A 23 -1.78 -8.95 -1.79
N GLY A 24 -2.84 -8.13 -1.62
CA GLY A 24 -4.08 -8.24 -2.38
C GLY A 24 -3.89 -8.30 -3.91
N SER A 25 -5.01 -8.46 -4.63
CA SER A 25 -5.04 -8.73 -6.07
C SER A 25 -4.71 -7.45 -6.88
N CYS A 26 -3.41 -7.09 -6.84
CA CYS A 26 -2.84 -5.92 -7.53
C CYS A 26 -1.33 -5.86 -7.27
N ASN A 27 -0.93 -6.12 -5.99
CA ASN A 27 0.49 -6.21 -5.56
C ASN A 27 1.18 -4.83 -5.66
N GLN A 28 0.36 -3.78 -5.44
CA GLN A 28 0.79 -2.38 -5.49
C GLN A 28 1.65 -2.02 -4.27
N TRP A 29 2.88 -1.58 -4.55
CA TRP A 29 3.86 -1.21 -3.52
C TRP A 29 3.70 0.26 -3.11
N PHE A 30 3.18 0.44 -1.88
CA PHE A 30 3.13 1.73 -1.20
C PHE A 30 4.21 1.78 -0.13
N HIS A 31 4.40 2.96 0.46
CA HIS A 31 5.40 3.18 1.52
C HIS A 31 4.69 3.37 2.86
N GLN A 32 5.05 2.53 3.85
CA GLN A 32 4.45 2.50 5.20
C GLN A 32 4.37 3.90 5.86
N VAL A 33 5.52 4.59 5.97
CA VAL A 33 5.61 5.91 6.63
C VAL A 33 4.75 6.96 5.89
N CYS A 34 4.65 6.79 4.56
CA CYS A 34 4.06 7.81 3.68
C CYS A 34 2.53 7.67 3.59
N VAL A 35 2.00 6.47 3.93
CA VAL A 35 0.55 6.18 3.86
C VAL A 35 -0.07 6.05 5.28
N GLY A 36 0.79 5.86 6.30
CA GLY A 36 0.34 5.76 7.71
C GLY A 36 0.22 4.32 8.23
N VAL A 37 0.80 3.36 7.51
CA VAL A 37 0.86 1.93 7.93
C VAL A 37 2.10 1.72 8.84
N SER A 38 1.87 1.09 10.02
CA SER A 38 2.97 0.71 10.95
C SER A 38 3.60 -0.63 10.49
N PRO A 39 4.83 -1.02 10.99
CA PRO A 39 5.43 -2.35 10.65
C PRO A 39 4.56 -3.51 11.18
N GLU A 40 3.79 -3.22 12.25
CA GLU A 40 2.81 -4.13 12.82
C GLU A 40 1.68 -4.39 11.80
N MET A 41 1.09 -3.29 11.27
CA MET A 41 -0.02 -3.33 10.28
C MET A 41 0.42 -4.01 8.97
N ALA A 42 1.69 -3.78 8.58
CA ALA A 42 2.26 -4.32 7.34
C ALA A 42 2.43 -5.86 7.39
N GLU A 43 2.82 -6.38 8.56
CA GLU A 43 3.06 -7.84 8.75
C GLU A 43 1.75 -8.58 9.09
N LYS A 44 0.97 -8.01 10.02
CA LYS A 44 -0.27 -8.60 10.55
C LYS A 44 -1.36 -8.63 9.47
N GLU A 45 -1.63 -7.46 8.90
CA GLU A 45 -2.70 -7.25 7.92
C GLU A 45 -2.11 -6.97 6.53
N ASP A 46 -2.93 -7.17 5.50
CA ASP A 46 -2.67 -6.64 4.17
C ASP A 46 -3.20 -5.20 4.13
N TYR A 47 -2.42 -4.27 3.57
CA TYR A 47 -2.91 -2.93 3.23
C TYR A 47 -3.81 -3.06 1.99
N ILE A 48 -5.07 -3.45 2.23
CA ILE A 48 -6.03 -3.74 1.16
C ILE A 48 -6.51 -2.43 0.54
N CYS A 49 -5.99 -2.13 -0.67
CA CYS A 49 -6.39 -0.94 -1.42
C CYS A 49 -7.80 -1.12 -2.01
N VAL A 50 -8.44 0.01 -2.34
CA VAL A 50 -9.79 0.06 -2.94
C VAL A 50 -9.90 -0.80 -4.22
N ARG A 51 -8.80 -0.90 -5.01
CA ARG A 51 -8.76 -1.70 -6.24
C ARG A 51 -9.02 -3.19 -5.95
N CYS A 52 -8.41 -3.70 -4.87
CA CYS A 52 -8.59 -5.10 -4.43
C CYS A 52 -10.02 -5.35 -3.92
N THR A 53 -10.58 -4.33 -3.24
CA THR A 53 -11.93 -4.39 -2.67
C THR A 53 -13.01 -4.54 -3.78
N VAL A 54 -12.90 -3.70 -4.82
CA VAL A 54 -13.85 -3.69 -5.95
C VAL A 54 -13.69 -4.96 -6.81
N LYS A 55 -12.43 -5.40 -6.97
CA LYS A 55 -12.04 -6.55 -7.82
C LYS A 55 -12.54 -7.88 -7.24
N ASP A 56 -12.47 -8.03 -5.91
CA ASP A 56 -12.76 -9.31 -5.23
C ASP A 56 -13.25 -9.07 -3.80
N ALA A 57 -12.39 -8.41 -3.00
CA ALA A 57 -12.56 -8.24 -1.54
C ALA A 57 -12.52 -9.61 -0.84
N PRO A 58 -11.33 -10.04 -0.27
CA PRO A 58 -11.21 -11.28 0.53
C PRO A 58 -12.05 -11.17 1.83
N SER A 59 -13.36 -11.33 1.67
CA SER A 59 -14.37 -11.07 2.70
C SER A 59 -15.67 -11.81 2.36
N ARG A 60 -16.48 -12.06 3.39
CA ARG A 60 -17.72 -12.83 3.30
C ARG A 60 -18.87 -11.99 2.72
N LYS A 61 -19.66 -12.62 1.83
CA LYS A 61 -20.84 -12.01 1.20
C LYS A 61 -21.84 -13.13 0.76
ZN ZN B . 4.47 8.72 -1.09
ZN ZN C . -4.42 -3.83 -3.79
N SER A 1 6.63 6.81 -17.23
CA SER A 1 6.08 5.46 -17.52
C SER A 1 5.78 4.68 -16.22
N HIS A 2 5.84 5.35 -15.05
CA HIS A 2 5.64 4.72 -13.73
C HIS A 2 5.10 5.74 -12.71
N MET A 3 4.53 5.21 -11.61
CA MET A 3 4.02 5.99 -10.47
C MET A 3 3.72 5.04 -9.28
N CYS A 4 3.72 5.59 -8.06
CA CYS A 4 3.40 4.85 -6.83
C CYS A 4 2.12 5.44 -6.21
N PRO A 5 0.90 4.88 -6.58
CA PRO A 5 -0.42 5.47 -6.24
C PRO A 5 -0.84 5.22 -4.77
N ALA A 6 -0.53 6.18 -3.88
CA ALA A 6 -0.89 6.12 -2.46
C ALA A 6 -0.91 7.53 -1.84
N VAL A 7 -2.12 8.04 -1.56
CA VAL A 7 -2.39 9.32 -0.87
C VAL A 7 -1.78 10.53 -1.63
N SER A 8 -0.46 10.70 -1.52
CA SER A 8 0.30 11.82 -2.13
C SER A 8 1.72 11.35 -2.57
N CYS A 9 2.23 10.32 -1.86
CA CYS A 9 3.58 9.75 -2.07
C CYS A 9 4.67 10.78 -1.71
N LEU A 10 4.95 10.90 -0.39
CA LEU A 10 5.92 11.90 0.15
C LEU A 10 7.36 11.60 -0.32
N GLN A 11 7.65 10.29 -0.47
CA GLN A 11 8.98 9.77 -0.90
C GLN A 11 10.11 10.17 0.09
N PRO A 12 10.16 9.50 1.30
CA PRO A 12 11.31 9.67 2.23
C PRO A 12 12.59 8.97 1.69
N GLU A 13 13.65 9.77 1.55
CA GLU A 13 14.97 9.28 1.07
C GLU A 13 15.65 8.45 2.19
N GLY A 14 15.39 7.14 2.16
CA GLY A 14 15.92 6.20 3.15
C GLY A 14 15.23 4.86 3.04
N ASP A 15 16.02 3.79 2.84
CA ASP A 15 15.52 2.40 2.68
C ASP A 15 15.13 1.76 4.04
N GLU A 16 15.35 2.51 5.14
CA GLU A 16 14.94 2.11 6.49
C GLU A 16 13.40 2.01 6.64
N VAL A 17 12.66 2.63 5.70
CA VAL A 17 11.19 2.59 5.68
C VAL A 17 10.72 1.21 5.18
N ASP A 18 9.83 0.59 5.96
CA ASP A 18 9.21 -0.70 5.62
C ASP A 18 8.08 -0.48 4.61
N TRP A 19 7.89 -1.45 3.71
CA TRP A 19 6.94 -1.35 2.60
C TRP A 19 5.83 -2.42 2.73
N VAL A 20 4.58 -1.96 2.73
CA VAL A 20 3.39 -2.81 2.62
C VAL A 20 2.88 -2.79 1.16
N GLN A 21 2.81 -3.97 0.55
CA GLN A 21 2.40 -4.14 -0.85
C GLN A 21 0.86 -4.21 -0.94
N CYS A 22 0.29 -3.83 -2.09
CA CYS A 22 -1.12 -4.14 -2.42
C CYS A 22 -1.13 -5.30 -3.43
N ASP A 23 -0.82 -6.51 -2.95
CA ASP A 23 -0.79 -7.74 -3.78
C ASP A 23 -2.12 -7.95 -4.54
N GLY A 24 -3.21 -7.48 -3.92
CA GLY A 24 -4.48 -7.32 -4.62
C GLY A 24 -4.39 -6.27 -5.73
N SER A 25 -4.08 -6.73 -6.96
CA SER A 25 -4.25 -5.99 -8.24
C SER A 25 -3.62 -4.57 -8.22
N CYS A 26 -2.34 -4.55 -7.87
CA CYS A 26 -1.49 -3.34 -7.85
C CYS A 26 -0.02 -3.80 -7.84
N ASN A 27 0.29 -4.62 -6.82
CA ASN A 27 1.60 -5.28 -6.61
C ASN A 27 2.75 -4.26 -6.38
N GLN A 28 2.39 -3.00 -6.13
CA GLN A 28 3.35 -1.93 -5.82
C GLN A 28 3.66 -1.96 -4.31
N TRP A 29 4.94 -1.78 -3.97
CA TRP A 29 5.41 -1.74 -2.57
C TRP A 29 5.30 -0.30 -2.06
N PHE A 30 4.36 -0.10 -1.12
CA PHE A 30 4.01 1.22 -0.58
C PHE A 30 4.70 1.42 0.78
N HIS A 31 5.15 2.64 1.05
CA HIS A 31 6.01 2.98 2.20
C HIS A 31 5.10 3.32 3.39
N GLN A 32 5.60 3.14 4.62
CA GLN A 32 4.86 3.47 5.87
C GLN A 32 4.13 4.83 5.78
N VAL A 33 4.90 5.89 5.46
CA VAL A 33 4.40 7.28 5.41
C VAL A 33 3.55 7.54 4.13
N CYS A 34 3.78 6.72 3.08
CA CYS A 34 3.07 6.86 1.78
C CYS A 34 1.57 6.52 1.91
N VAL A 35 1.25 5.59 2.82
CA VAL A 35 -0.13 5.09 3.04
C VAL A 35 -0.65 5.44 4.46
N GLY A 36 0.27 5.84 5.36
CA GLY A 36 -0.08 6.16 6.76
C GLY A 36 -0.33 4.90 7.60
N VAL A 37 0.46 3.84 7.33
CA VAL A 37 0.35 2.54 8.02
C VAL A 37 1.64 2.25 8.83
N SER A 38 1.46 1.77 10.07
CA SER A 38 2.56 1.34 10.97
C SER A 38 3.21 0.03 10.47
N PRO A 39 4.55 -0.20 10.68
CA PRO A 39 5.28 -1.39 10.16
C PRO A 39 4.75 -2.73 10.72
N GLU A 40 4.06 -2.68 11.87
CA GLU A 40 3.37 -3.84 12.46
C GLU A 40 2.26 -4.40 11.52
N MET A 41 1.40 -3.49 11.01
CA MET A 41 0.34 -3.80 10.08
C MET A 41 0.92 -4.05 8.67
N ALA A 42 2.06 -3.38 8.39
CA ALA A 42 2.77 -3.49 7.10
C ALA A 42 3.45 -4.87 6.94
N GLU A 43 3.67 -5.56 8.08
CA GLU A 43 4.22 -6.93 8.11
C GLU A 43 3.08 -7.97 8.12
N LYS A 44 2.06 -7.71 8.96
CA LYS A 44 0.95 -8.66 9.22
C LYS A 44 -0.02 -8.76 8.02
N GLU A 45 -0.48 -7.59 7.56
CA GLU A 45 -1.61 -7.46 6.62
C GLU A 45 -1.16 -6.88 5.28
N ASP A 46 -1.82 -7.31 4.19
CA ASP A 46 -1.65 -6.73 2.85
C ASP A 46 -2.44 -5.41 2.78
N TYR A 47 -1.86 -4.38 2.15
CA TYR A 47 -2.57 -3.10 1.94
C TYR A 47 -3.56 -3.28 0.78
N ILE A 48 -4.69 -3.94 1.07
CA ILE A 48 -5.73 -4.14 0.04
C ILE A 48 -6.49 -2.83 -0.08
N CYS A 49 -6.15 -2.04 -1.13
CA CYS A 49 -6.73 -0.71 -1.32
C CYS A 49 -8.16 -0.86 -1.86
N VAL A 50 -9.04 0.09 -1.49
CA VAL A 50 -10.54 -0.01 -1.63
C VAL A 50 -11.03 -0.55 -3.02
N ARG A 51 -10.31 -0.18 -4.09
CA ARG A 51 -10.63 -0.61 -5.48
C ARG A 51 -10.50 -2.14 -5.61
N CYS A 52 -9.40 -2.65 -5.07
CA CYS A 52 -9.08 -4.10 -5.04
C CYS A 52 -9.96 -4.86 -4.04
N THR A 53 -10.40 -4.17 -2.98
CA THR A 53 -11.25 -4.76 -1.93
C THR A 53 -12.65 -5.12 -2.50
N VAL A 54 -13.28 -4.15 -3.17
CA VAL A 54 -14.63 -4.31 -3.76
C VAL A 54 -14.60 -5.22 -5.02
N LYS A 55 -13.49 -5.16 -5.77
CA LYS A 55 -13.34 -5.88 -7.04
C LYS A 55 -12.29 -7.00 -6.88
N ASP A 56 -12.27 -7.60 -5.67
CA ASP A 56 -11.53 -8.84 -5.39
C ASP A 56 -12.35 -10.01 -5.95
N ALA A 57 -12.39 -10.07 -7.29
CA ALA A 57 -13.25 -10.99 -8.07
C ALA A 57 -14.74 -10.68 -7.80
N PRO A 58 -15.33 -9.65 -8.51
CA PRO A 58 -16.70 -9.15 -8.21
C PRO A 58 -17.83 -10.11 -8.69
N SER A 59 -17.44 -11.14 -9.44
CA SER A 59 -18.34 -12.17 -9.95
C SER A 59 -17.54 -13.45 -10.27
N ARG A 60 -18.14 -14.62 -10.04
CA ARG A 60 -17.51 -15.93 -10.27
C ARG A 60 -18.58 -16.99 -10.59
N LYS A 61 -18.13 -18.14 -11.13
CA LYS A 61 -19.01 -19.23 -11.58
C LYS A 61 -18.30 -20.60 -11.38
ZN ZN B . 4.88 6.01 -2.64
ZN ZN C . -4.83 -2.05 -4.88
N SER A 1 2.98 9.20 -10.64
CA SER A 1 3.33 8.53 -9.38
C SER A 1 4.06 7.19 -9.67
N HIS A 2 5.42 7.25 -9.71
CA HIS A 2 6.26 6.05 -9.84
C HIS A 2 6.45 5.39 -8.47
N MET A 3 6.97 4.13 -8.48
CA MET A 3 7.28 3.28 -7.28
C MET A 3 6.13 3.19 -6.23
N CYS A 4 4.91 3.61 -6.64
CA CYS A 4 3.71 3.68 -5.81
C CYS A 4 2.67 4.57 -6.52
N PRO A 5 1.51 4.02 -6.99
CA PRO A 5 0.41 4.84 -7.58
C PRO A 5 -0.36 5.63 -6.50
N ALA A 6 0.33 6.58 -5.89
CA ALA A 6 -0.21 7.44 -4.82
C ALA A 6 0.17 8.89 -5.16
N VAL A 7 -0.82 9.69 -5.60
CA VAL A 7 -0.61 11.11 -5.97
C VAL A 7 -0.17 11.91 -4.73
N SER A 8 -0.86 11.68 -3.60
CA SER A 8 -0.41 12.13 -2.28
C SER A 8 0.78 11.25 -1.85
N CYS A 9 2.01 11.73 -2.15
CA CYS A 9 3.24 10.98 -1.88
C CYS A 9 4.35 11.91 -1.36
N LEU A 10 4.72 11.71 -0.10
CA LEU A 10 5.98 12.22 0.45
C LEU A 10 7.16 11.47 -0.25
N GLN A 11 8.27 12.17 -0.44
CA GLN A 11 9.50 11.61 -1.02
C GLN A 11 10.53 11.42 0.11
N PRO A 12 10.74 10.14 0.59
CA PRO A 12 11.71 9.81 1.65
C PRO A 12 13.17 10.16 1.25
N GLU A 13 13.64 11.32 1.74
CA GLU A 13 15.01 11.82 1.50
C GLU A 13 16.01 11.11 2.44
N GLY A 14 15.47 10.62 3.57
CA GLY A 14 16.24 9.84 4.54
C GLY A 14 16.26 8.36 4.20
N ASP A 15 15.28 7.93 3.35
CA ASP A 15 15.18 6.56 2.78
C ASP A 15 14.76 5.47 3.81
N GLU A 16 14.87 5.75 5.11
CA GLU A 16 14.66 4.76 6.20
C GLU A 16 13.16 4.61 6.50
N VAL A 17 12.42 4.07 5.53
CA VAL A 17 10.98 3.81 5.63
C VAL A 17 10.70 2.37 5.19
N ASP A 18 9.81 1.70 5.91
CA ASP A 18 9.44 0.30 5.65
C ASP A 18 8.41 0.26 4.50
N TRP A 19 8.72 -0.48 3.41
CA TRP A 19 7.81 -0.63 2.25
C TRP A 19 6.93 -1.88 2.40
N VAL A 20 6.00 -2.06 1.45
CA VAL A 20 5.03 -3.17 1.46
C VAL A 20 4.45 -3.39 0.05
N GLN A 21 4.48 -4.65 -0.45
CA GLN A 21 3.86 -5.02 -1.74
C GLN A 21 2.35 -5.22 -1.54
N CYS A 22 1.54 -4.52 -2.36
CA CYS A 22 0.09 -4.33 -2.09
C CYS A 22 -0.78 -5.57 -2.37
N ASP A 23 -1.44 -6.06 -1.28
CA ASP A 23 -2.49 -7.13 -1.23
C ASP A 23 -2.56 -8.11 -2.45
N GLY A 24 -3.02 -7.60 -3.59
CA GLY A 24 -3.68 -8.41 -4.60
C GLY A 24 -3.45 -7.91 -6.01
N SER A 25 -4.40 -7.11 -6.50
CA SER A 25 -4.55 -6.83 -7.94
C SER A 25 -3.54 -5.77 -8.41
N CYS A 26 -3.51 -4.64 -7.70
CA CYS A 26 -2.68 -3.48 -8.13
C CYS A 26 -1.20 -3.79 -7.85
N ASN A 27 -0.96 -4.52 -6.73
CA ASN A 27 0.32 -5.22 -6.41
C ASN A 27 1.51 -4.27 -6.06
N GLN A 28 1.49 -3.02 -6.57
CA GLN A 28 2.61 -2.08 -6.49
C GLN A 28 3.03 -1.83 -5.03
N TRP A 29 4.33 -1.60 -4.82
CA TRP A 29 4.89 -1.32 -3.49
C TRP A 29 4.54 0.11 -3.06
N PHE A 30 4.21 0.26 -1.78
CA PHE A 30 4.00 1.55 -1.12
C PHE A 30 4.89 1.60 0.13
N HIS A 31 5.34 2.81 0.50
CA HIS A 31 6.01 3.04 1.79
C HIS A 31 4.91 3.13 2.87
N GLN A 32 5.22 2.69 4.10
CA GLN A 32 4.29 2.70 5.24
C GLN A 32 3.80 4.14 5.52
N VAL A 33 4.69 5.10 5.30
CA VAL A 33 4.39 6.54 5.45
C VAL A 33 3.55 7.10 4.26
N CYS A 34 3.61 6.42 3.09
CA CYS A 34 2.84 6.80 1.86
C CYS A 34 1.34 6.54 2.04
N VAL A 35 1.02 5.42 2.73
CA VAL A 35 -0.35 4.90 2.87
C VAL A 35 -0.82 4.86 4.34
N GLY A 36 -0.02 5.46 5.24
CA GLY A 36 -0.39 5.60 6.66
C GLY A 36 -0.56 4.28 7.41
N VAL A 37 0.18 3.25 6.97
CA VAL A 37 0.17 1.91 7.59
C VAL A 37 1.30 1.83 8.64
N SER A 38 1.03 1.12 9.74
CA SER A 38 2.04 0.85 10.78
C SER A 38 2.94 -0.34 10.33
N PRO A 39 4.26 -0.34 10.69
CA PRO A 39 5.15 -1.51 10.44
C PRO A 39 4.60 -2.81 11.07
N GLU A 40 4.02 -2.68 12.29
CA GLU A 40 3.32 -3.77 13.00
C GLU A 40 2.14 -4.31 12.16
N MET A 41 1.35 -3.37 11.60
CA MET A 41 0.20 -3.67 10.75
C MET A 41 0.62 -4.44 9.49
N ALA A 42 1.68 -3.98 8.84
CA ALA A 42 2.19 -4.56 7.58
C ALA A 42 2.70 -6.00 7.81
N GLU A 43 3.29 -6.24 8.98
CA GLU A 43 3.74 -7.58 9.42
C GLU A 43 2.55 -8.52 9.71
N LYS A 44 1.49 -7.96 10.31
CA LYS A 44 0.31 -8.73 10.75
C LYS A 44 -0.58 -9.13 9.55
N GLU A 45 -0.81 -8.18 8.65
CA GLU A 45 -1.75 -8.30 7.53
C GLU A 45 -1.43 -7.25 6.46
N ASP A 46 -1.78 -7.54 5.21
CA ASP A 46 -1.48 -6.64 4.07
C ASP A 46 -2.40 -5.41 4.06
N TYR A 47 -1.85 -4.30 3.57
CA TYR A 47 -2.63 -3.10 3.22
C TYR A 47 -3.42 -3.41 1.94
N ILE A 48 -4.74 -3.20 2.00
CA ILE A 48 -5.62 -3.37 0.84
C ILE A 48 -6.20 -1.98 0.46
N CYS A 49 -6.03 -1.56 -0.82
CA CYS A 49 -6.68 -0.31 -1.34
C CYS A 49 -8.22 -0.49 -1.36
N VAL A 50 -8.95 0.63 -1.54
CA VAL A 50 -10.41 0.60 -1.73
C VAL A 50 -10.77 -0.19 -3.00
N ARG A 51 -10.09 0.12 -4.13
CA ARG A 51 -10.32 -0.58 -5.43
C ARG A 51 -9.94 -2.07 -5.28
N CYS A 52 -8.74 -2.31 -4.72
CA CYS A 52 -8.20 -3.66 -4.38
C CYS A 52 -9.24 -4.55 -3.62
N THR A 53 -9.98 -3.95 -2.65
CA THR A 53 -10.97 -4.71 -1.84
C THR A 53 -12.32 -4.85 -2.57
N VAL A 54 -12.65 -3.85 -3.42
CA VAL A 54 -13.87 -3.84 -4.24
C VAL A 54 -13.80 -4.90 -5.36
N LYS A 55 -12.56 -5.21 -5.83
CA LYS A 55 -12.34 -6.28 -6.82
C LYS A 55 -12.75 -7.64 -6.21
N ASP A 56 -12.05 -8.02 -5.13
CA ASP A 56 -12.36 -9.20 -4.31
C ASP A 56 -11.43 -9.29 -3.07
N ALA A 57 -10.21 -8.73 -3.22
CA ALA A 57 -9.14 -8.76 -2.20
C ALA A 57 -8.64 -10.20 -1.95
N PRO A 58 -7.78 -10.76 -2.86
CA PRO A 58 -7.22 -12.12 -2.69
C PRO A 58 -5.90 -12.11 -1.89
N SER A 59 -5.39 -13.30 -1.59
CA SER A 59 -4.03 -13.47 -1.09
C SER A 59 -3.08 -13.51 -2.32
N ARG A 60 -2.97 -14.70 -2.97
CA ARG A 60 -2.22 -14.90 -4.22
C ARG A 60 -2.28 -16.39 -4.58
N LYS A 61 -1.59 -17.19 -3.77
CA LYS A 61 -1.45 -18.65 -3.95
C LYS A 61 -1.47 -19.32 -2.55
ZN ZN B . 4.95 7.08 -2.41
ZN ZN C . -3.59 -1.88 -4.01
N SER A 1 2.49 7.76 -12.46
CA SER A 1 2.77 7.20 -11.13
C SER A 1 2.80 5.66 -11.18
N HIS A 2 3.99 5.08 -11.46
CA HIS A 2 4.21 3.62 -11.44
C HIS A 2 4.84 3.19 -10.10
N MET A 3 4.66 1.89 -9.76
CA MET A 3 5.10 1.26 -8.47
C MET A 3 4.17 1.65 -7.30
N CYS A 4 3.71 2.92 -7.23
CA CYS A 4 2.86 3.41 -6.13
C CYS A 4 1.89 4.53 -6.60
N PRO A 5 0.70 4.17 -7.18
CA PRO A 5 -0.38 5.14 -7.52
C PRO A 5 -1.24 5.53 -6.29
N ALA A 6 -0.58 5.83 -5.15
CA ALA A 6 -1.24 6.40 -3.96
C ALA A 6 -1.48 7.90 -4.22
N VAL A 7 -2.72 8.38 -4.00
CA VAL A 7 -3.10 9.79 -4.29
C VAL A 7 -2.30 10.77 -3.41
N SER A 8 -2.06 10.38 -2.14
CA SER A 8 -1.14 11.08 -1.23
C SER A 8 0.22 10.38 -1.25
N CYS A 9 0.94 10.48 -2.39
CA CYS A 9 2.24 9.81 -2.55
C CYS A 9 3.36 10.66 -1.95
N LEU A 10 3.48 10.58 -0.60
CA LEU A 10 4.59 11.21 0.13
C LEU A 10 5.92 10.61 -0.34
N GLN A 11 6.95 11.44 -0.48
CA GLN A 11 8.27 11.03 -1.01
C GLN A 11 9.34 11.15 0.12
N PRO A 12 9.42 10.13 1.05
CA PRO A 12 10.39 10.13 2.17
C PRO A 12 11.77 9.54 1.78
N GLU A 13 12.84 10.13 2.33
CA GLU A 13 14.21 9.61 2.22
C GLU A 13 14.51 8.69 3.42
N GLY A 14 15.57 7.88 3.30
CA GLY A 14 15.95 6.91 4.32
C GLY A 14 15.29 5.55 4.10
N ASP A 15 15.95 4.49 4.58
CA ASP A 15 15.48 3.09 4.47
C ASP A 15 14.45 2.75 5.57
N GLU A 16 14.39 3.57 6.64
CA GLU A 16 13.53 3.36 7.83
C GLU A 16 12.04 3.25 7.45
N VAL A 17 11.62 4.03 6.45
CA VAL A 17 10.28 3.94 5.85
C VAL A 17 10.16 2.67 4.99
N ASP A 18 9.86 1.57 5.67
CA ASP A 18 9.78 0.23 5.08
C ASP A 18 8.55 0.12 4.14
N TRP A 19 8.72 -0.57 3.00
CA TRP A 19 7.67 -0.69 1.97
C TRP A 19 6.83 -1.94 2.19
N VAL A 20 5.60 -1.90 1.67
CA VAL A 20 4.63 -2.98 1.78
C VAL A 20 3.90 -3.17 0.43
N GLN A 21 3.93 -4.42 -0.06
CA GLN A 21 3.27 -4.83 -1.32
C GLN A 21 1.76 -4.97 -1.09
N CYS A 22 0.95 -4.32 -1.96
CA CYS A 22 -0.52 -4.46 -1.94
C CYS A 22 -0.97 -5.89 -2.22
N ASP A 23 -0.21 -6.56 -3.14
CA ASP A 23 -0.42 -7.95 -3.59
C ASP A 23 -1.72 -8.07 -4.45
N GLY A 24 -2.89 -7.97 -3.78
CA GLY A 24 -4.22 -8.21 -4.37
C GLY A 24 -4.49 -7.52 -5.72
N SER A 25 -4.18 -8.24 -6.81
CA SER A 25 -4.67 -7.97 -8.19
C SER A 25 -4.07 -6.68 -8.81
N CYS A 26 -3.02 -6.13 -8.16
CA CYS A 26 -2.43 -4.85 -8.59
C CYS A 26 -0.96 -4.74 -8.16
N ASN A 27 -0.61 -5.41 -7.03
CA ASN A 27 0.78 -5.61 -6.54
C ASN A 27 1.32 -4.36 -5.81
N GLN A 28 1.36 -3.23 -6.55
CA GLN A 28 1.93 -1.90 -6.21
C GLN A 28 2.51 -1.73 -4.78
N TRP A 29 3.83 -1.52 -4.72
CA TRP A 29 4.58 -1.34 -3.47
C TRP A 29 4.42 0.09 -2.95
N PHE A 30 3.82 0.20 -1.78
CA PHE A 30 3.60 1.47 -1.08
C PHE A 30 4.64 1.64 0.03
N HIS A 31 4.79 2.86 0.56
CA HIS A 31 5.79 3.19 1.58
C HIS A 31 5.03 3.35 2.90
N GLN A 32 5.68 3.03 4.01
CA GLN A 32 5.09 3.00 5.36
C GLN A 32 4.27 4.28 5.69
N VAL A 33 4.89 5.45 5.46
CA VAL A 33 4.27 6.77 5.74
C VAL A 33 3.33 7.23 4.61
N CYS A 34 3.61 6.79 3.35
CA CYS A 34 2.86 7.25 2.14
C CYS A 34 1.37 6.86 2.20
N VAL A 35 1.09 5.68 2.75
CA VAL A 35 -0.28 5.14 2.87
C VAL A 35 -0.73 5.02 4.34
N GLY A 36 0.17 5.39 5.28
CA GLY A 36 -0.13 5.38 6.71
C GLY A 36 -0.31 3.98 7.30
N VAL A 37 0.42 3.01 6.72
CA VAL A 37 0.44 1.61 7.20
C VAL A 37 1.68 1.41 8.08
N SER A 38 1.48 1.29 9.40
CA SER A 38 2.57 1.10 10.39
C SER A 38 3.14 -0.35 10.30
N PRO A 39 4.38 -0.64 10.87
CA PRO A 39 5.06 -1.97 10.77
C PRO A 39 4.16 -3.19 11.10
N GLU A 40 3.38 -3.09 12.20
CA GLU A 40 2.50 -4.20 12.64
C GLU A 40 1.32 -4.39 11.68
N MET A 41 0.85 -3.28 11.08
CA MET A 41 -0.26 -3.30 10.10
C MET A 41 0.20 -3.97 8.79
N ALA A 42 1.42 -3.60 8.35
CA ALA A 42 2.04 -4.16 7.14
C ALA A 42 2.38 -5.66 7.32
N GLU A 43 2.64 -6.03 8.58
CA GLU A 43 2.88 -7.41 9.01
C GLU A 43 1.58 -8.24 8.99
N LYS A 44 0.52 -7.66 9.58
CA LYS A 44 -0.69 -8.41 9.97
C LYS A 44 -1.88 -8.16 9.03
N GLU A 45 -2.34 -6.89 8.94
CA GLU A 45 -3.66 -6.56 8.34
C GLU A 45 -3.74 -5.11 7.82
N ASP A 46 -4.53 -4.95 6.76
CA ASP A 46 -4.97 -3.66 6.21
C ASP A 46 -3.80 -2.85 5.61
N TYR A 47 -3.40 -3.29 4.41
CA TYR A 47 -2.33 -2.65 3.60
C TYR A 47 -2.61 -2.83 2.10
N ILE A 48 -3.77 -3.39 1.80
CA ILE A 48 -4.23 -3.69 0.44
C ILE A 48 -5.11 -2.51 0.00
N CYS A 49 -4.67 -1.79 -1.07
CA CYS A 49 -5.32 -0.52 -1.48
C CYS A 49 -6.82 -0.73 -1.83
N VAL A 50 -7.64 0.30 -1.55
CA VAL A 50 -9.11 0.19 -1.36
C VAL A 50 -9.86 -0.47 -2.54
N ARG A 51 -9.42 -0.20 -3.78
CA ARG A 51 -10.07 -0.75 -5.00
C ARG A 51 -9.87 -2.29 -5.10
N CYS A 52 -8.76 -2.78 -4.53
CA CYS A 52 -8.47 -4.24 -4.39
C CYS A 52 -9.26 -4.85 -3.23
N THR A 53 -9.56 -4.03 -2.21
CA THR A 53 -10.39 -4.46 -1.08
C THR A 53 -11.88 -4.57 -1.51
N VAL A 54 -12.26 -3.76 -2.51
CA VAL A 54 -13.58 -3.84 -3.18
C VAL A 54 -13.61 -5.09 -4.07
N LYS A 55 -12.59 -5.22 -4.94
CA LYS A 55 -12.43 -6.37 -5.84
C LYS A 55 -11.50 -7.42 -5.21
N ASP A 56 -11.87 -7.85 -4.01
CA ASP A 56 -11.17 -8.87 -3.22
C ASP A 56 -11.95 -10.20 -3.29
N ALA A 57 -12.79 -10.32 -4.35
CA ALA A 57 -13.73 -11.45 -4.54
C ALA A 57 -14.71 -11.53 -3.34
N PRO A 58 -15.73 -10.59 -3.28
CA PRO A 58 -16.72 -10.58 -2.18
C PRO A 58 -17.75 -11.72 -2.34
N SER A 59 -18.34 -12.17 -1.22
CA SER A 59 -19.44 -13.15 -1.24
C SER A 59 -20.74 -12.47 -1.75
N ARG A 60 -20.84 -11.15 -1.54
CA ARG A 60 -21.99 -10.33 -1.99
C ARG A 60 -21.83 -9.91 -3.47
N LYS A 61 -22.75 -10.42 -4.31
CA LYS A 61 -22.95 -10.03 -5.72
C LYS A 61 -21.66 -10.22 -6.59
ZN ZN B . 3.86 6.54 -2.68
ZN ZN C . -4.06 -2.64 -4.84
#